data_8GHV
#
_entry.id   8GHV
#
_cell.length_a   1.00
_cell.length_b   1.00
_cell.length_c   1.00
_cell.angle_alpha   90.00
_cell.angle_beta   90.00
_cell.angle_gamma   90.00
#
_symmetry.space_group_name_H-M   'P 1'
#
loop_
_entity.id
_entity.type
_entity.pdbx_description
1 polymer 'Guanine nucleotide-binding protein G(i) subunit alpha-1'
2 polymer 'Guanine nucleotide-binding protein G(I)/G(S)/G(T) subunit beta-1'
3 polymer 'Guanine nucleotide-binding protein G(I)/G(S)/G(O) subunit gamma-2'
4 polymer 'Cannabinoid receptor 1'
5 polymer scFv16
6 non-polymer (5Z,8Z,11Z,13S,14Z)-N-[(2R)-1-hydroxypropan-2-yl]-13-methylicosa-5,8,11,14-tetraenamide
#
loop_
_entity_poly.entity_id
_entity_poly.type
_entity_poly.pdbx_seq_one_letter_code
_entity_poly.pdbx_strand_id
1 'polypeptide(L)'
;MGCTLSAEDKAAVERSKMIDRNLREDGEKAAREVKLLLLGAGESGKSTIVKQMKIIHEAGYSEEECKQYKAVVYSNTIQS
IIAIIRAMGRLKIDFGDSARADDARQLFVLAGAAEEGFMTAELAGVIKRLWKDSGVQACFNRSREYQLNDSAAYYLNDLD
RIAQPNYIPTQQDVLRTRVKTTGIVETHFTFKDLHFKMFDVGGQRSERKKWIHCFEGVTAIIFCVALSDYDLVLAEDEEM
NRMHESMKLFDSICNNKWFTDTSIILFLNKKDLFEEKIKKSPLTICYPEYAGSNTYEEAAAYIQCQFEDLNKRKDTKEIY
THFTCATDTKNVQFVFDAVTDVIIKNNLKDCGLF
;
A
2 'polypeptide(L)'
;PGSSGSELDQLRQEAEQLKNQIRDARKACADATLSQITNNIDPVGRIQMRTRRTLRGHLAKIYAMHWGTDSRLLVSASQD
GKLIIWDSYTTNKVHAIPLRSSWVMTCAYAPSGNYVACGGLDNICSIYNLKTREGNVRVSRELAGHTGYLSCCRFLDDNQ
IVTSSGDTTCALWDIETGQQTTTFTGHTGDVMSLSLAPDTRLFVSGACDASAKLWDVREGMCRQTFTGHESDINAICFFP
NGNAFATGSDDATCRLFDLRADQELMTYSHDNIICGITSVSFSKSGRLLLAGYDDFNCNVWDALKADRAGVLAGHDNRVS
CLGVTDDGMAVATGSWDSFLKIWN
;
B
3 'polypeptide(L)' MASNNTASIAQARKLVEQLKMEANIDRIKVSKAAADLMAYCEAHAKEDPLLTPVPASENPFREKKFFCAIL C
4 'polypeptide(L)'
;DYKDDDDAMKSILDGLADTTFRTITTDLLYVGSNDIQYEDIKGDMASKLGYFPQKFPLTSFRGSPFQEKMTAGDNPQLVP
ADQVNITEFYNKSLSENLYFQGSFKENEENIQCGENFMDIECFMVLNPSQQLAIAVLSLTLGTFTVLENLLVLCVILHSR
SLRCRPSYHFIGSLAVADLLGSVIFVYSFIDFHVFHRKDSRNVFLFKLGGVTASFTASVGSLFLTAIDRYISIHRPLAYK
RIVTRPKAVVAFCLMWTIAIVIAVLPLLGWNCEKLQSVCSDIFPHIDETYLMFWIGVTSVLLLFIVYAYMYILWKAHSHA
VRMIQRGTQKSIIIHTSEDGKVQVTRPDQARMDIRLAKTLVLILVVLIICWGPLLAIMVYDVFGKMNKLIKTVFAFCSML
CLLNSTVNPIIYALRSKDLRHAFRSMFPSCEGTAQPLDNSMGDSDCLHKHANNAASVHRAAESCIKSTVKIAKVTMSVST
DTSAEALGSHHHHHH
;
D
5 'polypeptide(L)'
;DVQLVESGGGLVQPGGSRKLSCSASGFAFSSFGMHWVRQAPEKGLEWVAYISSGSGTIYYADTVKGRFTISRDDPKNTLF
LQMTSLRSEDTAMYYCVRSIYYYGSSPFDFWGQGTTLTVSSGGGGSGGGGSGGGGSDIVMTQATSSVPVTPGESVSISCR
SSKSLLHSNGNTYLYWFLQRPGQSPQLLIYRMSNLASGVPDRFSGSGSGTAFTLTISRLEAEDVGVYYCMQHLEYPLTFG
AGTKLELKAAAHHHHHHHH
;
S
#
# COMPACT_ATOMS: atom_id res chain seq x y z
N CYS A 3 -19.33 -15.71 -17.60
CA CYS A 3 -18.57 -14.91 -16.64
C CYS A 3 -17.94 -15.80 -15.58
N THR A 4 -18.55 -16.97 -15.36
CA THR A 4 -18.09 -17.93 -14.35
C THR A 4 -18.22 -17.40 -12.93
N LEU A 5 -19.10 -16.44 -12.71
CA LEU A 5 -19.37 -15.88 -11.38
C LEU A 5 -20.85 -16.07 -11.06
N SER A 6 -21.13 -16.52 -9.85
CA SER A 6 -22.50 -16.68 -9.40
C SER A 6 -23.09 -15.33 -8.99
N ALA A 7 -24.34 -15.33 -8.55
CA ALA A 7 -25.01 -14.09 -8.18
C ALA A 7 -24.48 -13.49 -6.89
N GLU A 8 -23.69 -14.23 -6.12
CA GLU A 8 -23.22 -13.78 -4.82
C GLU A 8 -21.78 -13.26 -4.82
N ASP A 9 -21.02 -13.47 -5.89
CA ASP A 9 -19.67 -12.94 -5.99
C ASP A 9 -19.63 -11.55 -6.62
N LYS A 10 -20.60 -11.23 -7.47
CA LYS A 10 -20.67 -9.89 -8.05
C LYS A 10 -20.92 -8.84 -6.98
N ALA A 11 -21.78 -9.16 -5.99
CA ALA A 11 -22.01 -8.24 -4.90
C ALA A 11 -20.74 -8.00 -4.09
N ALA A 12 -19.95 -9.05 -3.88
CA ALA A 12 -18.68 -8.90 -3.19
C ALA A 12 -17.73 -8.00 -3.98
N VAL A 13 -17.70 -8.17 -5.30
CA VAL A 13 -16.85 -7.31 -6.13
C VAL A 13 -17.28 -5.85 -6.01
N GLU A 14 -18.59 -5.60 -6.03
CA GLU A 14 -19.09 -4.23 -5.89
C GLU A 14 -18.71 -3.64 -4.53
N ARG A 15 -18.83 -4.43 -3.47
CA ARG A 15 -18.42 -3.97 -2.15
C ARG A 15 -16.94 -3.60 -2.11
N SER A 16 -16.10 -4.44 -2.71
CA SER A 16 -14.67 -4.15 -2.74
C SER A 16 -14.39 -2.87 -3.51
N LYS A 17 -15.11 -2.64 -4.62
CA LYS A 17 -14.90 -1.42 -5.39
C LYS A 17 -15.31 -0.18 -4.60
N MET A 18 -16.39 -0.27 -3.83
CA MET A 18 -16.80 0.88 -3.01
C MET A 18 -15.79 1.15 -1.91
N ILE A 19 -15.15 0.09 -1.39
CA ILE A 19 -14.08 0.30 -0.42
C ILE A 19 -12.89 0.99 -1.07
N ASP A 20 -12.54 0.58 -2.30
CA ASP A 20 -11.44 1.22 -3.00
C ASP A 20 -11.72 2.70 -3.21
N ARG A 21 -12.95 3.04 -3.61
CA ARG A 21 -13.28 4.44 -3.81
C ARG A 21 -13.11 5.23 -2.51
N ASN A 22 -13.54 4.66 -1.38
CA ASN A 22 -13.42 5.39 -0.12
C ASN A 22 -11.94 5.59 0.22
N LEU A 23 -11.11 4.57 -0.03
CA LEU A 23 -9.70 4.69 0.31
C LEU A 23 -9.06 5.79 -0.54
N ARG A 24 -9.46 5.88 -1.81
CA ARG A 24 -8.89 6.90 -2.69
C ARG A 24 -9.23 8.29 -2.16
N GLU A 25 -10.50 8.50 -1.79
CA GLU A 25 -10.89 9.81 -1.30
C GLU A 25 -10.11 10.14 -0.04
N ASP A 26 -9.92 9.14 0.84
CA ASP A 26 -9.21 9.38 2.09
C ASP A 26 -7.77 9.79 1.81
N GLY A 27 -7.11 9.10 0.88
CA GLY A 27 -5.73 9.45 0.57
C GLY A 27 -5.63 10.83 -0.03
N GLU A 28 -6.61 11.22 -0.84
CA GLU A 28 -6.54 12.54 -1.48
C GLU A 28 -6.73 13.66 -0.45
N LYS A 29 -7.58 13.44 0.55
CA LYS A 29 -7.83 14.46 1.56
C LYS A 29 -6.66 14.63 2.54
N ALA A 30 -5.82 13.61 2.70
CA ALA A 30 -4.71 13.61 3.64
C ALA A 30 -3.40 14.12 3.04
N ALA A 31 -3.36 14.41 1.74
CA ALA A 31 -2.16 14.88 1.05
C ALA A 31 -2.10 16.40 0.91
N ARG A 32 -3.00 17.13 1.55
CA ARG A 32 -3.05 18.58 1.48
C ARG A 32 -2.62 19.25 2.79
N GLU A 33 -1.92 18.51 3.65
CA GLU A 33 -1.46 19.02 4.94
C GLU A 33 0.06 18.95 5.00
N VAL A 34 0.65 19.88 5.76
CA VAL A 34 2.10 19.99 5.91
C VAL A 34 2.47 19.49 7.29
N LYS A 35 3.35 18.51 7.37
CA LYS A 35 3.71 17.82 8.60
C LYS A 35 5.09 18.24 9.07
N LEU A 36 5.20 18.52 10.37
CA LEU A 36 6.44 19.00 10.97
C LEU A 36 6.74 18.21 12.24
N LEU A 37 8.04 18.08 12.54
CA LEU A 37 8.53 17.39 13.73
C LEU A 37 9.23 18.40 14.62
N LEU A 38 8.87 18.42 15.90
CA LEU A 38 9.41 19.40 16.85
C LEU A 38 10.36 18.68 17.81
N LEU A 39 11.61 19.15 17.86
CA LEU A 39 12.64 18.59 18.73
C LEU A 39 13.20 19.69 19.63
N GLY A 40 14.10 19.30 20.51
CA GLY A 40 14.72 20.22 21.45
C GLY A 40 14.77 19.63 22.84
N ALA A 41 15.84 19.94 23.57
CA ALA A 41 16.01 19.46 24.92
C ALA A 41 15.09 20.21 25.88
N GLY A 42 15.00 19.70 27.10
CA GLY A 42 14.16 20.35 28.10
C GLY A 42 14.68 21.73 28.48
N GLU A 43 13.76 22.59 28.90
CA GLU A 43 14.08 23.97 29.25
C GLU A 43 14.64 24.72 28.03
N SER A 44 13.89 24.66 26.94
CA SER A 44 14.27 25.28 25.69
C SER A 44 13.29 26.33 25.20
N GLY A 45 11.99 26.15 25.43
CA GLY A 45 10.99 27.10 25.00
C GLY A 45 9.97 26.49 24.06
N LYS A 46 9.90 25.16 24.03
CA LYS A 46 8.93 24.49 23.17
C LYS A 46 7.51 24.87 23.57
N SER A 47 7.25 24.94 24.86
CA SER A 47 5.91 25.32 25.32
C SER A 47 5.55 26.73 24.86
N THR A 48 6.51 27.65 24.89
CA THR A 48 6.23 29.02 24.47
C THR A 48 5.79 29.06 23.01
N ILE A 49 6.53 28.41 22.11
CA ILE A 49 6.17 28.43 20.71
C ILE A 49 4.86 27.68 20.47
N VAL A 50 4.65 26.58 21.22
CA VAL A 50 3.41 25.84 21.07
C VAL A 50 2.22 26.72 21.42
N LYS A 51 2.32 27.47 22.52
CA LYS A 51 1.26 28.40 22.87
C LYS A 51 1.12 29.51 21.84
N GLN A 52 2.24 29.96 21.27
CA GLN A 52 2.19 30.96 20.21
C GLN A 52 1.56 30.43 18.93
N MET A 53 1.38 29.11 18.82
CA MET A 53 0.76 28.47 17.65
C MET A 53 -0.34 27.56 18.16
N LYS A 54 -1.55 28.09 18.26
CA LYS A 54 -2.69 27.34 18.79
C LYS A 54 -2.44 26.94 20.24
N THR A 182 0.82 8.81 28.29
CA THR A 182 0.62 9.21 26.91
C THR A 182 1.95 9.31 26.18
N GLY A 183 1.96 8.92 24.91
CA GLY A 183 3.18 8.93 24.12
C GLY A 183 3.33 10.17 23.27
N ILE A 184 3.19 10.02 21.95
CA ILE A 184 3.37 11.14 21.04
C ILE A 184 2.24 12.15 21.21
N VAL A 185 2.53 13.40 20.87
CA VAL A 185 1.58 14.50 21.01
C VAL A 185 1.36 15.11 19.63
N GLU A 186 0.20 15.74 19.48
CA GLU A 186 -0.30 16.26 18.21
C GLU A 186 -0.69 17.72 18.34
N THR A 187 -0.61 18.44 17.21
CA THR A 187 -1.03 19.84 17.20
C THR A 187 -1.41 20.21 15.77
N HIS A 188 -2.37 21.12 15.65
CA HIS A 188 -2.86 21.59 14.36
C HIS A 188 -2.98 23.10 14.36
N PHE A 189 -2.73 23.70 13.19
CA PHE A 189 -3.02 25.12 13.01
C PHE A 189 -3.10 25.43 11.53
N THR A 190 -3.52 26.65 11.21
CA THR A 190 -3.72 27.08 9.84
C THR A 190 -3.15 28.49 9.66
N PHE A 191 -2.76 28.79 8.42
CA PHE A 191 -2.23 30.10 8.09
C PHE A 191 -2.31 30.29 6.59
N LYS A 192 -2.97 31.36 6.14
CA LYS A 192 -3.08 31.70 4.74
C LYS A 192 -3.54 30.50 3.92
N ASP A 193 -4.61 29.86 4.38
CA ASP A 193 -5.22 28.72 3.70
C ASP A 193 -4.24 27.56 3.55
N LEU A 194 -3.35 27.39 4.52
CA LEU A 194 -2.41 26.28 4.55
C LEU A 194 -2.47 25.63 5.92
N HIS A 195 -2.55 24.31 5.95
CA HIS A 195 -2.77 23.55 7.17
C HIS A 195 -1.49 22.86 7.62
N PHE A 196 -1.13 23.06 8.89
CA PHE A 196 0.08 22.50 9.47
C PHE A 196 -0.28 21.58 10.63
N LYS A 197 0.37 20.41 10.65
CA LYS A 197 0.33 19.49 11.77
C LYS A 197 1.73 19.38 12.35
N MET A 198 1.80 19.38 13.68
CA MET A 198 3.06 19.34 14.42
C MET A 198 3.07 18.14 15.34
N PHE A 199 4.18 17.39 15.31
CA PHE A 199 4.36 16.18 16.09
C PHE A 199 5.40 16.43 17.15
N ASP A 200 5.04 16.18 18.41
CA ASP A 200 5.98 16.28 19.53
C ASP A 200 6.21 14.90 20.12
N VAL A 201 7.49 14.51 20.23
CA VAL A 201 7.84 13.15 20.64
C VAL A 201 8.77 13.18 21.85
N GLY A 202 8.64 14.20 22.68
CA GLY A 202 9.52 14.36 23.82
C GLY A 202 9.18 13.54 25.03
N GLY A 203 8.10 12.76 24.99
CA GLY A 203 7.69 11.97 26.14
C GLY A 203 7.79 10.47 25.92
N GLN A 204 8.78 10.03 25.13
CA GLN A 204 8.96 8.61 24.85
C GLN A 204 9.91 7.96 25.85
N ARG A 205 11.14 8.47 25.95
CA ARG A 205 12.12 7.97 26.91
C ARG A 205 12.48 6.51 26.63
N SER A 206 12.77 6.22 25.37
CA SER A 206 13.14 4.87 24.93
C SER A 206 14.25 5.00 23.88
N GLU A 207 14.66 3.85 23.34
CA GLU A 207 15.67 3.85 22.29
C GLU A 207 15.16 4.59 21.06
N ARG A 208 15.92 5.58 20.61
CA ARG A 208 15.50 6.42 19.50
C ARG A 208 15.83 5.83 18.14
N LYS A 209 16.73 4.86 18.08
CA LYS A 209 17.08 4.24 16.80
C LYS A 209 16.02 3.28 16.29
N LYS A 210 15.01 2.97 17.09
CA LYS A 210 14.01 1.97 16.71
C LYS A 210 12.73 2.57 16.16
N TRP A 211 12.39 3.81 16.53
CA TRP A 211 11.13 4.41 16.09
C TRP A 211 11.32 5.76 15.40
N ILE A 212 12.56 6.15 15.09
CA ILE A 212 12.77 7.43 14.43
C ILE A 212 12.66 7.36 12.92
N HIS A 213 12.84 6.17 12.33
CA HIS A 213 12.62 6.01 10.90
C HIS A 213 11.15 6.13 10.52
N CYS A 214 10.24 6.12 11.50
CA CYS A 214 8.83 6.31 11.22
C CYS A 214 8.53 7.71 10.70
N PHE A 215 9.37 8.69 11.00
CA PHE A 215 9.15 10.08 10.63
C PHE A 215 9.86 10.48 9.35
N GLU A 216 10.52 9.54 8.67
CA GLU A 216 11.12 9.82 7.38
C GLU A 216 10.04 10.22 6.38
N GLY A 217 10.05 11.48 5.96
CA GLY A 217 9.05 11.96 5.02
C GLY A 217 8.43 13.28 5.40
N VAL A 218 8.82 13.81 6.58
CA VAL A 218 8.29 15.11 7.00
C VAL A 218 8.85 16.20 6.11
N THR A 219 8.13 17.33 6.07
CA THR A 219 8.56 18.45 5.24
C THR A 219 9.79 19.13 5.84
N ALA A 220 9.80 19.36 7.15
CA ALA A 220 10.89 20.06 7.80
C ALA A 220 10.95 19.64 9.27
N ILE A 221 11.96 20.15 9.96
CA ILE A 221 12.17 19.89 11.39
C ILE A 221 12.37 21.22 12.09
N ILE A 222 11.81 21.36 13.29
CA ILE A 222 11.94 22.56 14.10
C ILE A 222 12.77 22.22 15.33
N PHE A 223 13.83 23.00 15.57
CA PHE A 223 14.74 22.79 16.68
C PHE A 223 14.76 24.04 17.56
N CYS A 224 14.68 23.84 18.87
CA CYS A 224 14.58 24.93 19.84
C CYS A 224 15.82 24.93 20.71
N VAL A 225 16.43 26.11 20.87
CA VAL A 225 17.61 26.29 21.71
C VAL A 225 17.44 27.56 22.53
N ALA A 226 17.86 27.51 23.78
CA ALA A 226 17.77 28.65 24.69
C ALA A 226 19.12 29.34 24.77
N LEU A 227 19.15 30.65 24.49
CA LEU A 227 20.40 31.39 24.53
C LEU A 227 20.85 31.66 25.97
N SER A 228 19.90 31.81 26.89
CA SER A 228 20.24 32.23 28.25
C SER A 228 21.12 31.21 28.95
N ASP A 229 20.84 29.92 28.77
CA ASP A 229 21.51 28.87 29.55
C ASP A 229 22.88 28.53 28.95
N TYR A 230 23.74 29.54 28.88
CA TYR A 230 25.12 29.36 28.48
C TYR A 230 26.07 29.27 29.66
N ASP A 231 25.91 30.14 30.66
CA ASP A 231 26.70 30.03 31.88
C ASP A 231 26.21 28.88 32.75
N LEU A 232 24.91 28.64 32.75
CA LEU A 232 24.31 27.58 33.55
C LEU A 232 24.90 26.22 33.19
N MET A 240 27.00 17.90 31.29
CA MET A 240 27.77 18.82 32.12
C MET A 240 27.34 20.27 31.87
N ASN A 241 27.39 20.67 30.61
CA ASN A 241 26.99 22.02 30.19
C ASN A 241 25.78 21.90 29.26
N ARG A 242 24.74 22.70 29.53
CA ARG A 242 23.52 22.60 28.75
C ARG A 242 23.75 22.92 27.29
N MET A 243 24.55 23.97 27.00
CA MET A 243 24.80 24.35 25.62
C MET A 243 25.49 23.23 24.86
N HIS A 244 26.46 22.57 25.49
CA HIS A 244 27.15 21.47 24.82
C HIS A 244 26.21 20.30 24.57
N GLU A 245 25.29 20.04 25.50
CA GLU A 245 24.29 18.99 25.27
C GLU A 245 23.40 19.34 24.08
N SER A 246 22.97 20.59 23.99
CA SER A 246 22.16 21.02 22.85
C SER A 246 22.94 20.88 21.55
N MET A 247 24.22 21.24 21.56
CA MET A 247 25.04 21.09 20.37
C MET A 247 25.17 19.62 19.98
N LYS A 248 25.35 18.74 20.97
CA LYS A 248 25.46 17.31 20.69
C LYS A 248 24.18 16.78 20.07
N LEU A 249 23.02 17.17 20.63
CA LEU A 249 21.76 16.71 20.07
C LEU A 249 21.55 17.23 18.65
N PHE A 250 21.88 18.50 18.41
CA PHE A 250 21.74 19.07 17.07
C PHE A 250 22.63 18.34 16.08
N ASP A 251 23.88 18.07 16.46
CA ASP A 251 24.79 17.37 15.56
C ASP A 251 24.31 15.96 15.27
N SER A 252 23.80 15.27 16.29
CA SER A 252 23.32 13.90 16.08
C SER A 252 22.12 13.88 15.14
N ILE A 253 21.17 14.80 15.34
CA ILE A 253 19.96 14.80 14.51
C ILE A 253 20.28 15.23 13.09
N CYS A 254 21.12 16.27 12.93
CA CYS A 254 21.32 16.86 11.62
C CYS A 254 21.95 15.87 10.64
N ASN A 255 22.92 15.09 11.10
CA ASN A 255 23.69 14.19 10.25
C ASN A 255 23.17 12.76 10.28
N ASN A 256 21.87 12.58 10.49
CA ASN A 256 21.28 11.25 10.46
C ASN A 256 21.12 10.76 9.02
N LYS A 257 21.04 9.44 8.87
CA LYS A 257 20.92 8.85 7.54
C LYS A 257 19.50 8.85 7.01
N TRP A 258 18.49 9.09 7.87
CA TRP A 258 17.11 9.17 7.41
C TRP A 258 16.69 10.59 7.05
N PHE A 259 17.44 11.59 7.48
CA PHE A 259 17.12 12.99 7.27
C PHE A 259 18.16 13.65 6.37
N THR A 260 18.56 12.96 5.31
CA THR A 260 19.61 13.48 4.44
C THR A 260 19.20 14.77 3.75
N ASP A 261 17.95 14.86 3.29
CA ASP A 261 17.50 15.96 2.46
C ASP A 261 16.30 16.68 3.06
N THR A 262 16.27 16.80 4.40
CA THR A 262 15.23 17.56 5.09
C THR A 262 15.86 18.81 5.69
N SER A 263 15.21 19.96 5.43
CA SER A 263 15.71 21.22 5.95
C SER A 263 15.42 21.34 7.45
N ILE A 264 16.02 22.34 8.08
CA ILE A 264 15.91 22.56 9.51
C ILE A 264 15.61 24.03 9.76
N ILE A 265 14.72 24.30 10.70
CA ILE A 265 14.40 25.65 11.15
C ILE A 265 14.85 25.76 12.60
N LEU A 266 15.75 26.70 12.87
CA LEU A 266 16.36 26.86 14.19
C LEU A 266 15.81 28.10 14.87
N PHE A 267 15.36 27.94 16.11
CA PHE A 267 14.86 29.04 16.93
C PHE A 267 15.79 29.25 18.11
N LEU A 268 16.23 30.48 18.32
CA LEU A 268 17.06 30.85 19.46
C LEU A 268 16.23 31.73 20.38
N ASN A 269 15.87 31.20 21.54
CA ASN A 269 14.92 31.84 22.44
C ASN A 269 15.63 32.64 23.53
N LYS A 270 14.86 33.48 24.21
CA LYS A 270 15.32 34.23 25.38
C LYS A 270 16.50 35.13 25.04
N LYS A 271 16.31 35.99 24.03
CA LYS A 271 17.37 36.92 23.66
C LYS A 271 17.56 37.99 24.72
N ASP A 272 16.48 38.42 25.38
CA ASP A 272 16.61 39.45 26.40
C ASP A 272 17.43 38.95 27.58
N LEU A 273 17.22 37.69 27.99
CA LEU A 273 17.99 37.16 29.12
C LEU A 273 19.46 37.08 28.75
N PHE A 274 19.76 36.60 27.54
CA PHE A 274 21.14 36.53 27.08
C PHE A 274 21.76 37.93 27.09
N GLU A 275 20.98 38.93 26.73
CA GLU A 275 21.49 40.30 26.66
C GLU A 275 21.58 40.91 28.05
N GLU A 276 20.95 40.29 29.04
CA GLU A 276 20.99 40.75 30.42
C GLU A 276 22.09 40.08 31.21
N LYS A 277 22.60 38.94 30.70
CA LYS A 277 23.67 38.18 31.35
C LYS A 277 25.02 38.48 30.73
N ILE A 278 25.07 38.71 29.41
CA ILE A 278 26.31 38.94 28.70
C ILE A 278 27.06 40.13 29.29
N LYS A 279 26.33 41.12 29.81
CA LYS A 279 26.97 42.31 30.36
C LYS A 279 27.74 41.97 31.63
N LYS A 280 27.20 41.09 32.46
CA LYS A 280 27.83 40.74 33.73
C LYS A 280 28.81 39.60 33.58
N SER A 281 28.37 38.46 33.01
CA SER A 281 29.27 37.32 32.84
C SER A 281 29.80 37.30 31.41
N PRO A 282 31.10 37.22 31.19
CA PRO A 282 31.62 37.13 29.82
C PRO A 282 31.20 35.83 29.14
N LEU A 283 31.38 35.81 27.82
CA LEU A 283 31.07 34.62 27.02
C LEU A 283 32.29 33.73 26.83
N THR A 284 33.03 33.48 27.91
CA THR A 284 34.21 32.63 27.87
C THR A 284 34.03 31.30 28.58
N ILE A 285 32.98 31.14 29.38
CA ILE A 285 32.75 29.88 30.07
C ILE A 285 32.49 28.77 29.05
N CYS A 286 31.63 29.04 28.07
CA CYS A 286 31.36 28.03 27.04
C CYS A 286 32.53 27.90 26.07
N TYR A 287 33.06 29.02 25.60
CA TYR A 287 34.12 29.04 24.59
C TYR A 287 35.34 29.76 25.16
N PRO A 288 36.30 29.05 25.73
CA PRO A 288 37.51 29.73 26.21
C PRO A 288 38.30 30.38 25.10
N GLU A 289 38.10 29.97 23.85
CA GLU A 289 38.84 30.50 22.72
C GLU A 289 38.26 31.82 22.21
N TYR A 290 37.06 32.19 22.67
CA TYR A 290 36.41 33.40 22.16
C TYR A 290 37.32 34.61 22.34
N ALA A 291 37.45 35.40 21.28
CA ALA A 291 38.32 36.57 21.23
C ALA A 291 37.60 37.75 20.63
N GLY A 292 36.37 37.98 21.08
CA GLY A 292 35.57 39.09 20.58
C GLY A 292 35.29 40.13 21.65
N SER A 293 34.13 40.78 21.56
CA SER A 293 33.73 41.82 22.50
C SER A 293 32.41 41.43 23.17
N ASN A 294 32.20 41.96 24.37
CA ASN A 294 31.00 41.68 25.15
C ASN A 294 29.85 42.55 24.64
N THR A 295 29.34 42.18 23.47
CA THR A 295 28.22 42.86 22.84
C THR A 295 27.19 41.82 22.40
N TYR A 296 25.92 42.23 22.45
CA TYR A 296 24.84 41.31 22.10
C TYR A 296 24.95 40.82 20.66
N GLU A 297 25.19 41.75 19.72
CA GLU A 297 25.23 41.37 18.32
C GLU A 297 26.37 40.40 18.03
N GLU A 298 27.58 40.72 18.51
CA GLU A 298 28.73 39.88 18.23
C GLU A 298 28.57 38.50 18.85
N ALA A 299 28.11 38.44 20.10
CA ALA A 299 27.90 37.15 20.76
C ALA A 299 26.85 36.32 20.03
N ALA A 300 25.75 36.95 19.63
CA ALA A 300 24.70 36.23 18.93
C ALA A 300 25.22 35.69 17.60
N ALA A 301 25.97 36.49 16.86
CA ALA A 301 26.54 36.01 15.60
C ALA A 301 27.50 34.86 15.83
N TYR A 302 28.31 34.95 16.89
CA TYR A 302 29.26 33.88 17.20
C TYR A 302 28.52 32.59 17.47
N ILE A 303 27.48 32.64 18.31
CA ILE A 303 26.70 31.44 18.63
C ILE A 303 26.04 30.89 17.37
N GLN A 304 25.48 31.77 16.54
CA GLN A 304 24.80 31.33 15.34
C GLN A 304 25.73 30.60 14.40
N CYS A 305 26.95 31.12 14.20
CA CYS A 305 27.88 30.46 13.28
C CYS A 305 28.43 29.16 13.87
N GLN A 306 28.59 29.10 15.20
CA GLN A 306 28.97 27.84 15.82
C GLN A 306 27.90 26.79 15.62
N PHE A 307 26.62 27.18 15.70
CA PHE A 307 25.57 26.21 15.48
C PHE A 307 25.46 25.84 14.01
N GLU A 308 25.68 26.80 13.13
CA GLU A 308 25.45 26.60 11.70
C GLU A 308 26.57 25.82 11.03
N ASP A 309 27.74 25.69 11.65
CA ASP A 309 28.86 25.02 11.01
C ASP A 309 28.99 23.55 11.43
N LEU A 310 27.89 22.92 11.84
CA LEU A 310 27.87 21.52 12.23
C LEU A 310 27.29 20.59 11.18
N ASN A 311 26.78 21.12 10.06
CA ASN A 311 26.16 20.28 9.02
C ASN A 311 27.20 19.90 7.98
N LYS A 312 27.59 18.63 7.96
CA LYS A 312 28.48 18.14 6.91
C LYS A 312 27.79 18.20 5.55
N ARG A 313 26.51 17.88 5.50
CA ARG A 313 25.74 17.96 4.27
C ARG A 313 25.37 19.43 4.03
N LYS A 314 25.96 20.03 3.01
CA LYS A 314 25.73 21.44 2.69
C LYS A 314 24.88 21.64 1.44
N ASP A 315 25.08 20.83 0.40
CA ASP A 315 24.33 21.00 -0.83
C ASP A 315 22.91 20.47 -0.73
N THR A 316 22.69 19.40 0.05
CA THR A 316 21.38 18.75 0.07
C THR A 316 20.36 19.59 0.85
N LYS A 317 20.76 20.13 1.99
CA LYS A 317 19.82 20.81 2.88
C LYS A 317 20.37 22.19 3.26
N GLU A 318 19.48 23.03 3.79
CA GLU A 318 19.83 24.37 4.23
C GLU A 318 19.15 24.63 5.56
N ILE A 319 19.74 25.54 6.35
CA ILE A 319 19.28 25.84 7.70
C ILE A 319 18.78 27.27 7.74
N TYR A 320 17.60 27.48 8.29
CA TYR A 320 16.98 28.80 8.45
C TYR A 320 17.01 29.16 9.93
N THR A 321 17.76 30.21 10.27
CA THR A 321 17.93 30.64 11.65
C THR A 321 17.05 31.84 11.95
N HIS A 322 16.55 31.89 13.19
CA HIS A 322 15.71 33.00 13.63
C HIS A 322 15.95 33.27 15.11
N PHE A 323 15.90 34.54 15.49
CA PHE A 323 15.99 34.97 16.88
C PHE A 323 14.61 35.38 17.36
N THR A 324 14.21 34.88 18.53
CA THR A 324 12.89 35.17 19.08
C THR A 324 13.01 35.35 20.58
N CYS A 325 11.90 35.72 21.21
CA CYS A 325 11.83 35.90 22.65
C CYS A 325 10.44 35.45 23.12
N ALA A 326 10.11 35.76 24.37
CA ALA A 326 8.84 35.31 24.94
C ALA A 326 7.65 36.02 24.34
N THR A 327 7.84 37.19 23.72
CA THR A 327 6.75 37.98 23.15
C THR A 327 7.06 38.25 21.68
N ASP A 328 6.39 37.49 20.80
CA ASP A 328 6.54 37.67 19.36
C ASP A 328 5.25 37.26 18.68
N THR A 329 5.05 37.78 17.46
CA THR A 329 3.86 37.45 16.68
C THR A 329 4.20 37.24 15.21
N LYS A 330 5.44 36.89 14.88
CA LYS A 330 5.87 36.72 13.50
C LYS A 330 6.73 35.48 13.32
N ASN A 331 6.49 34.45 14.13
CA ASN A 331 7.15 33.15 13.95
C ASN A 331 6.43 32.28 12.93
N VAL A 332 5.09 32.33 12.95
CA VAL A 332 4.31 31.55 11.99
C VAL A 332 4.57 32.04 10.57
N GLN A 333 4.78 33.34 10.40
CA GLN A 333 5.12 33.86 9.07
C GLN A 333 6.47 33.33 8.61
N PHE A 334 7.45 33.27 9.51
CA PHE A 334 8.75 32.70 9.17
C PHE A 334 8.61 31.24 8.76
N VAL A 335 7.80 30.47 9.51
CA VAL A 335 7.57 29.07 9.16
C VAL A 335 6.94 28.97 7.77
N PHE A 336 5.95 29.83 7.50
CA PHE A 336 5.26 29.82 6.21
C PHE A 336 6.24 30.09 5.07
N ASP A 337 7.09 31.10 5.22
CA ASP A 337 8.04 31.43 4.17
C ASP A 337 9.02 30.28 3.93
N ALA A 338 9.57 29.72 5.01
CA ALA A 338 10.52 28.63 4.86
C ALA A 338 9.88 27.42 4.20
N VAL A 339 8.63 27.10 4.58
CA VAL A 339 7.96 25.95 4.00
C VAL A 339 7.70 26.17 2.51
N THR A 340 7.28 27.38 2.14
CA THR A 340 7.04 27.65 0.71
C THR A 340 8.32 27.51 -0.09
N ASP A 341 9.44 28.03 0.44
CA ASP A 341 10.72 27.89 -0.27
C ASP A 341 11.10 26.42 -0.43
N VAL A 342 10.95 25.64 0.64
CA VAL A 342 11.31 24.23 0.58
C VAL A 342 10.45 23.50 -0.45
N ILE A 343 9.15 23.78 -0.46
CA ILE A 343 8.25 23.11 -1.40
C ILE A 343 8.60 23.47 -2.83
N ILE A 344 8.88 24.75 -3.09
CA ILE A 344 9.21 25.16 -4.45
C ILE A 344 10.48 24.45 -4.92
N LYS A 345 11.50 24.39 -4.07
CA LYS A 345 12.73 23.72 -4.48
C LYS A 345 12.52 22.23 -4.70
N ASN A 346 11.71 21.58 -3.85
CA ASN A 346 11.42 20.17 -4.06
C ASN A 346 10.72 19.94 -5.39
N ASN A 347 9.75 20.79 -5.72
CA ASN A 347 9.06 20.65 -6.99
C ASN A 347 10.04 20.85 -8.14
N LEU A 348 10.93 21.85 -8.02
CA LEU A 348 11.84 22.15 -9.11
C LEU A 348 12.92 21.07 -9.24
N LYS A 349 12.98 20.15 -8.29
CA LYS A 349 13.96 19.07 -8.33
C LYS A 349 13.33 17.76 -8.79
N ASP A 350 12.04 17.56 -8.52
CA ASP A 350 11.35 16.35 -8.98
C ASP A 350 11.18 16.35 -10.49
N CYS A 351 10.95 17.52 -11.08
CA CYS A 351 10.76 17.66 -12.53
C CYS A 351 12.06 17.71 -13.30
N GLY A 352 13.20 17.48 -12.65
CA GLY A 352 14.47 17.38 -13.35
C GLY A 352 15.04 18.69 -13.85
N LEU A 353 14.42 19.82 -13.54
CA LEU A 353 14.89 21.10 -14.02
C LEU A 353 16.15 21.57 -13.31
N PHE A 354 16.53 20.91 -12.22
CA PHE A 354 17.78 21.20 -11.52
C PHE A 354 18.77 20.05 -11.70
N GLU B 7 30.06 -5.95 51.45
CA GLU B 7 28.62 -5.76 51.48
C GLU B 7 27.97 -6.34 50.23
N LEU B 8 28.34 -5.79 49.07
CA LEU B 8 27.80 -6.25 47.79
C LEU B 8 28.82 -6.97 46.91
N ASP B 9 30.12 -6.82 47.20
CA ASP B 9 31.13 -7.49 46.38
C ASP B 9 30.98 -9.00 46.46
N GLN B 10 30.62 -9.53 47.63
CA GLN B 10 30.44 -10.97 47.78
C GLN B 10 29.33 -11.48 46.86
N LEU B 11 28.24 -10.73 46.74
CA LEU B 11 27.15 -11.15 45.87
C LEU B 11 27.59 -11.17 44.41
N ARG B 12 28.36 -10.17 43.99
CA ARG B 12 28.86 -10.15 42.62
C ARG B 12 29.81 -11.31 42.35
N GLN B 13 30.68 -11.63 43.32
CA GLN B 13 31.56 -12.78 43.17
C GLN B 13 30.76 -14.08 43.08
N GLU B 14 29.71 -14.20 43.88
CA GLU B 14 28.85 -15.38 43.81
C GLU B 14 28.17 -15.47 42.45
N ALA B 15 27.72 -14.35 41.90
CA ALA B 15 27.12 -14.35 40.57
C ALA B 15 28.12 -14.79 39.51
N GLU B 16 29.36 -14.30 39.59
CA GLU B 16 30.39 -14.73 38.65
C GLU B 16 30.65 -16.23 38.76
N GLN B 17 30.73 -16.74 39.99
CA GLN B 17 30.95 -18.17 40.19
C GLN B 17 29.81 -18.98 39.59
N LEU B 18 28.56 -18.54 39.81
CA LEU B 18 27.42 -19.25 39.25
C LEU B 18 27.44 -19.24 37.73
N LYS B 19 27.80 -18.10 37.13
CA LYS B 19 27.89 -18.04 35.67
C LYS B 19 28.96 -18.99 35.15
N ASN B 20 30.11 -19.05 35.82
CA ASN B 20 31.16 -19.98 35.39
C ASN B 20 30.68 -21.43 35.49
N GLN B 21 29.98 -21.75 36.58
CA GLN B 21 29.46 -23.11 36.75
C GLN B 21 28.47 -23.46 35.66
N ILE B 22 27.59 -22.51 35.31
CA ILE B 22 26.62 -22.76 34.24
C ILE B 22 27.35 -23.00 32.93
N ARG B 23 28.36 -22.17 32.63
CA ARG B 23 29.09 -22.34 31.38
C ARG B 23 29.76 -23.71 31.31
N ASP B 24 30.35 -24.17 32.43
CA ASP B 24 30.96 -25.49 32.44
C ASP B 24 29.90 -26.58 32.25
N ALA B 25 28.75 -26.42 32.89
CA ALA B 25 27.71 -27.44 32.77
C ALA B 25 27.26 -27.54 31.32
N ARG B 26 27.08 -26.39 30.66
CA ARG B 26 26.67 -26.44 29.27
C ARG B 26 27.76 -27.11 28.44
N LYS B 27 29.02 -26.80 28.71
CA LYS B 27 30.10 -27.34 27.91
C LYS B 27 30.21 -28.85 28.05
N ALA B 28 29.72 -29.42 29.15
CA ALA B 28 29.86 -30.86 29.33
C ALA B 28 28.92 -31.65 28.41
N CYS B 29 27.77 -31.09 28.06
CA CYS B 29 26.79 -31.77 27.21
C CYS B 29 27.16 -31.79 25.74
N ALA B 30 28.05 -30.92 25.28
CA ALA B 30 28.40 -30.83 23.86
C ALA B 30 29.27 -32.01 23.46
N ASP B 31 28.64 -33.06 22.93
CA ASP B 31 29.34 -34.26 22.48
C ASP B 31 29.60 -34.28 20.98
N ALA B 32 28.63 -33.84 20.17
CA ALA B 32 28.80 -33.81 18.73
C ALA B 32 27.98 -32.67 18.14
N THR B 33 28.53 -32.01 17.13
CA THR B 33 27.84 -30.89 16.50
C THR B 33 26.75 -31.40 15.57
N LEU B 34 25.80 -30.50 15.25
CA LEU B 34 24.67 -30.88 14.40
C LEU B 34 25.12 -31.25 13.00
N SER B 35 26.11 -30.51 12.46
CA SER B 35 26.57 -30.78 11.09
C SER B 35 27.11 -32.19 10.95
N GLN B 36 27.80 -32.69 11.97
CA GLN B 36 28.36 -34.03 11.90
C GLN B 36 27.27 -35.09 11.74
N ILE B 37 26.18 -34.94 12.50
CA ILE B 37 25.11 -35.92 12.43
C ILE B 37 24.38 -35.81 11.09
N THR B 38 24.15 -34.59 10.62
CA THR B 38 23.45 -34.35 9.35
C THR B 38 24.42 -34.46 8.17
N ASN B 39 24.98 -35.66 8.02
CA ASN B 39 25.85 -36.00 6.91
C ASN B 39 25.36 -37.30 6.27
N ASN B 40 25.71 -37.49 5.00
CA ASN B 40 25.22 -38.59 4.20
C ASN B 40 23.72 -38.51 3.94
N ILE B 41 23.15 -37.31 4.06
CA ILE B 41 21.73 -37.07 3.85
C ILE B 41 21.59 -36.25 2.57
N ASP B 42 20.70 -36.68 1.68
CA ASP B 42 20.56 -36.02 0.39
C ASP B 42 20.11 -34.57 0.58
N PRO B 43 20.67 -33.62 -0.16
CA PRO B 43 20.24 -32.22 -0.01
C PRO B 43 18.83 -31.99 -0.54
N VAL B 44 18.36 -30.75 -0.46
CA VAL B 44 17.01 -30.43 -0.90
C VAL B 44 16.97 -29.97 -2.35
N GLY B 45 18.05 -29.37 -2.85
CA GLY B 45 18.09 -28.88 -4.21
C GLY B 45 17.51 -27.48 -4.35
N ARG B 46 17.64 -26.95 -5.56
CA ARG B 46 17.15 -25.60 -5.84
C ARG B 46 15.64 -25.54 -5.70
N ILE B 47 15.14 -24.45 -5.12
CA ILE B 47 13.72 -24.24 -4.90
C ILE B 47 13.31 -22.97 -5.65
N GLN B 48 12.34 -23.11 -6.55
CA GLN B 48 11.84 -22.03 -7.37
C GLN B 48 10.37 -21.80 -7.02
N MET B 49 10.02 -20.57 -6.66
CA MET B 49 8.65 -20.22 -6.34
C MET B 49 8.26 -18.94 -7.05
N ARG B 50 7.01 -18.90 -7.50
CA ARG B 50 6.48 -17.84 -8.35
C ARG B 50 5.44 -17.03 -7.59
N THR B 51 5.45 -15.72 -7.81
CA THR B 51 4.34 -14.90 -7.32
C THR B 51 3.05 -15.36 -7.97
N ARG B 52 1.96 -15.30 -7.21
CA ARG B 52 0.63 -15.65 -7.69
C ARG B 52 -0.39 -14.55 -7.51
N ARG B 53 -0.22 -13.66 -6.53
CA ARG B 53 -1.15 -12.57 -6.28
C ARG B 53 -0.36 -11.30 -5.97
N THR B 54 -1.07 -10.18 -6.00
CA THR B 54 -0.51 -8.88 -5.62
C THR B 54 -1.64 -8.02 -5.11
N LEU B 55 -1.56 -7.65 -3.83
CA LEU B 55 -2.60 -6.88 -3.16
C LEU B 55 -2.25 -5.39 -3.19
N ARG B 56 -3.22 -4.58 -3.61
CA ARG B 56 -3.03 -3.15 -3.83
C ARG B 56 -4.14 -2.39 -3.13
N GLY B 57 -3.91 -1.09 -2.91
CA GLY B 57 -4.81 -0.28 -2.12
C GLY B 57 -4.26 0.26 -0.81
N HIS B 58 -3.00 0.02 -0.49
CA HIS B 58 -2.35 0.65 0.66
C HIS B 58 -1.47 1.78 0.15
N LEU B 59 -1.63 2.97 0.75
CA LEU B 59 -0.95 4.18 0.29
C LEU B 59 0.16 4.63 1.25
N ALA B 60 0.87 3.68 1.86
CA ALA B 60 1.96 4.01 2.77
C ALA B 60 2.74 2.72 3.02
N LYS B 61 3.65 2.77 3.99
CA LYS B 61 4.48 1.61 4.30
C LYS B 61 3.68 0.62 5.14
N ILE B 62 3.89 -0.66 4.87
CA ILE B 62 3.21 -1.74 5.59
C ILE B 62 4.15 -2.24 6.68
N TYR B 63 3.59 -2.48 7.87
CA TYR B 63 4.40 -2.83 9.03
C TYR B 63 4.14 -4.21 9.61
N ALA B 64 2.94 -4.78 9.44
CA ALA B 64 2.65 -6.08 10.02
C ALA B 64 1.54 -6.76 9.24
N MET B 65 1.47 -8.08 9.41
CA MET B 65 0.42 -8.90 8.82
C MET B 65 0.30 -10.18 9.63
N HIS B 66 -0.85 -10.84 9.49
CA HIS B 66 -1.08 -12.10 10.19
C HIS B 66 -2.11 -12.92 9.43
N TRP B 67 -1.83 -14.22 9.28
CA TRP B 67 -2.74 -15.13 8.61
C TRP B 67 -3.88 -15.53 9.52
N GLY B 68 -4.96 -16.01 8.91
CA GLY B 68 -6.07 -16.59 9.64
C GLY B 68 -5.95 -18.11 9.72
N THR B 69 -6.63 -18.68 10.71
CA THR B 69 -6.52 -20.12 10.92
C THR B 69 -7.12 -20.91 9.77
N ASP B 70 -8.09 -20.34 9.05
CA ASP B 70 -8.61 -21.00 7.85
C ASP B 70 -7.66 -20.90 6.67
N SER B 71 -6.61 -20.08 6.78
CA SER B 71 -5.59 -19.95 5.73
C SER B 71 -6.20 -19.44 4.42
N ARG B 72 -7.18 -18.55 4.53
CA ARG B 72 -7.74 -17.91 3.35
C ARG B 72 -7.86 -16.39 3.53
N LEU B 73 -8.00 -15.93 4.77
CA LEU B 73 -8.20 -14.53 5.07
C LEU B 73 -6.93 -13.94 5.67
N LEU B 74 -6.74 -12.64 5.45
CA LEU B 74 -5.54 -11.94 5.89
C LEU B 74 -5.92 -10.62 6.54
N VAL B 75 -5.04 -10.10 7.39
CA VAL B 75 -5.16 -8.76 7.94
C VAL B 75 -3.80 -8.08 7.85
N SER B 76 -3.81 -6.79 7.51
CA SER B 76 -2.56 -6.05 7.38
C SER B 76 -2.75 -4.60 7.83
N ALA B 77 -1.67 -4.00 8.36
CA ALA B 77 -1.61 -2.63 8.91
C ALA B 77 -0.59 -1.74 8.16
N SER B 78 -0.85 -0.43 8.04
CA SER B 78 0.01 0.52 7.30
C SER B 78 0.21 1.81 8.10
N GLN B 79 1.15 2.67 7.69
CA GLN B 79 1.46 3.96 8.37
C GLN B 79 0.22 4.83 8.30
N ASP B 80 -0.52 4.87 7.21
CA ASP B 80 -1.85 5.55 7.17
C ASP B 80 -2.72 4.83 8.20
N GLY B 81 -3.75 5.45 8.77
CA GLY B 81 -4.52 4.81 9.84
C GLY B 81 -5.53 3.83 9.29
N LYS B 82 -5.10 2.69 8.75
CA LYS B 82 -6.00 1.69 8.11
C LYS B 82 -5.58 0.25 8.40
N LEU B 83 -6.52 -0.61 8.80
CA LEU B 83 -6.32 -2.06 9.00
C LEU B 83 -7.23 -2.71 7.95
N ILE B 84 -6.70 -3.39 6.95
CA ILE B 84 -7.45 -4.02 5.86
C ILE B 84 -7.46 -5.53 6.03
N ILE B 85 -8.61 -6.15 5.77
CA ILE B 85 -8.74 -7.61 5.78
C ILE B 85 -8.98 -8.07 4.34
N TRP B 86 -8.16 -9.01 3.89
CA TRP B 86 -8.14 -9.47 2.50
C TRP B 86 -8.72 -10.87 2.38
N ASP B 87 -9.17 -11.17 1.16
CA ASP B 87 -9.56 -12.51 0.72
C ASP B 87 -8.48 -13.00 -0.26
N SER B 88 -7.71 -14.00 0.17
CA SER B 88 -6.54 -14.43 -0.59
C SER B 88 -6.91 -14.92 -1.99
N TYR B 89 -7.84 -15.87 -2.09
CA TYR B 89 -8.12 -16.50 -3.38
C TYR B 89 -8.66 -15.53 -4.42
N THR B 90 -9.61 -14.66 -4.05
CA THR B 90 -10.21 -13.75 -5.00
C THR B 90 -9.59 -12.36 -5.02
N THR B 91 -8.87 -11.96 -3.99
CA THR B 91 -8.22 -10.65 -3.87
C THR B 91 -9.24 -9.59 -3.45
N ASN B 92 -10.47 -9.98 -3.12
CA ASN B 92 -11.49 -9.04 -2.71
C ASN B 92 -11.21 -8.47 -1.32
N LYS B 93 -11.62 -7.24 -1.11
CA LYS B 93 -11.52 -6.61 0.20
C LYS B 93 -12.80 -6.88 0.99
N VAL B 94 -12.66 -7.38 2.21
CA VAL B 94 -13.79 -7.71 3.05
C VAL B 94 -14.11 -6.60 4.05
N HIS B 95 -13.08 -6.05 4.71
CA HIS B 95 -13.26 -5.02 5.72
C HIS B 95 -12.10 -4.04 5.67
N ALA B 96 -12.41 -2.77 5.93
CA ALA B 96 -11.41 -1.73 6.15
C ALA B 96 -11.80 -0.99 7.43
N ILE B 97 -10.86 -0.87 8.36
CA ILE B 97 -11.12 -0.34 9.70
C ILE B 97 -10.26 0.90 9.88
N PRO B 98 -10.84 2.04 10.23
CA PRO B 98 -10.01 3.23 10.53
C PRO B 98 -9.53 3.25 11.98
N LEU B 99 -8.32 3.76 12.15
CA LEU B 99 -7.64 3.79 13.45
C LEU B 99 -7.50 5.22 13.94
N ARG B 100 -7.61 5.38 15.27
CA ARG B 100 -7.50 6.71 15.86
C ARG B 100 -6.08 7.26 15.79
N SER B 101 -5.08 6.39 15.91
CA SER B 101 -3.68 6.77 15.85
C SER B 101 -3.03 6.17 14.61
N SER B 102 -2.27 6.99 13.88
CA SER B 102 -1.65 6.54 12.64
C SER B 102 -0.36 5.76 12.85
N TRP B 103 0.22 5.82 14.06
CA TRP B 103 1.50 5.16 14.33
C TRP B 103 1.22 3.77 14.88
N VAL B 104 1.33 2.76 14.03
CA VAL B 104 0.98 1.38 14.35
C VAL B 104 2.17 0.49 14.01
N MET B 105 2.41 -0.53 14.83
CA MET B 105 3.56 -1.39 14.67
C MET B 105 3.27 -2.89 14.73
N THR B 106 2.04 -3.31 15.05
CA THR B 106 1.76 -4.73 15.17
C THR B 106 0.25 -4.97 15.04
N CYS B 107 -0.11 -6.21 14.71
CA CYS B 107 -1.50 -6.62 14.61
C CYS B 107 -1.57 -8.14 14.78
N ALA B 108 -2.76 -8.63 15.15
CA ALA B 108 -2.96 -10.05 15.38
C ALA B 108 -4.37 -10.45 14.95
N TYR B 109 -4.55 -11.75 14.73
CA TYR B 109 -5.82 -12.34 14.32
C TYR B 109 -6.22 -13.41 15.32
N ALA B 110 -7.41 -13.28 15.90
CA ALA B 110 -7.88 -14.27 16.86
C ALA B 110 -7.94 -15.65 16.20
N PRO B 111 -7.57 -16.72 16.91
CA PRO B 111 -7.68 -18.06 16.32
C PRO B 111 -9.10 -18.46 15.94
N SER B 112 -10.12 -17.83 16.52
CA SER B 112 -11.51 -18.13 16.16
C SER B 112 -12.03 -17.28 15.02
N GLY B 113 -11.43 -16.11 14.77
CA GLY B 113 -11.87 -15.25 13.70
C GLY B 113 -12.87 -14.19 14.08
N ASN B 114 -13.06 -13.93 15.38
CA ASN B 114 -14.06 -12.97 15.83
C ASN B 114 -13.47 -11.60 16.18
N TYR B 115 -12.17 -11.52 16.46
CA TYR B 115 -11.56 -10.30 16.96
C TYR B 115 -10.24 -10.04 16.25
N VAL B 116 -9.83 -8.78 16.25
CA VAL B 116 -8.48 -8.39 15.83
C VAL B 116 -7.90 -7.41 16.85
N ALA B 117 -6.57 -7.29 16.83
CA ALA B 117 -5.85 -6.47 17.79
C ALA B 117 -4.86 -5.57 17.08
N CYS B 118 -4.58 -4.42 17.68
CA CYS B 118 -3.68 -3.43 17.09
C CYS B 118 -2.98 -2.65 18.18
N GLY B 119 -1.84 -2.06 17.83
CA GLY B 119 -1.08 -1.25 18.77
C GLY B 119 0.10 -0.58 18.10
N GLY B 120 0.65 0.41 18.80
CA GLY B 120 1.75 1.17 18.25
C GLY B 120 2.45 2.10 19.22
N LEU B 121 2.78 3.32 18.78
CA LEU B 121 3.54 4.28 19.57
C LEU B 121 2.72 4.95 20.66
N ASP B 122 1.42 4.69 20.74
CA ASP B 122 0.57 5.34 21.73
C ASP B 122 0.52 4.59 23.07
N ASN B 123 1.20 3.45 23.17
CA ASN B 123 1.27 2.68 24.42
C ASN B 123 -0.08 2.08 24.81
N ILE B 124 -0.87 1.68 23.83
CA ILE B 124 -2.20 1.12 24.07
C ILE B 124 -2.41 -0.06 23.13
N CYS B 125 -3.25 -1.00 23.55
CA CYS B 125 -3.65 -2.13 22.73
C CYS B 125 -5.15 -2.09 22.50
N SER B 126 -5.56 -2.01 21.24
CA SER B 126 -6.97 -1.90 20.88
C SER B 126 -7.47 -3.22 20.32
N ILE B 127 -8.64 -3.64 20.76
CA ILE B 127 -9.26 -4.90 20.37
C ILE B 127 -10.59 -4.59 19.71
N TYR B 128 -10.76 -5.06 18.47
CA TYR B 128 -11.92 -4.80 17.63
C TYR B 128 -12.72 -6.07 17.40
N ASN B 129 -14.04 -5.92 17.40
CA ASN B 129 -14.98 -7.02 17.19
C ASN B 129 -15.44 -7.05 15.74
N LEU B 130 -15.33 -8.22 15.10
CA LEU B 130 -15.62 -8.37 13.68
C LEU B 130 -17.05 -8.85 13.40
N LYS B 131 -17.61 -9.70 14.25
CA LYS B 131 -18.91 -10.33 14.02
C LYS B 131 -19.92 -9.78 15.01
N THR B 132 -20.82 -8.93 14.51
CA THR B 132 -21.82 -8.27 15.34
C THR B 132 -23.16 -8.34 14.61
N ARG B 133 -24.14 -7.52 15.01
CA ARG B 133 -25.52 -7.56 14.45
C ARG B 133 -25.94 -6.21 13.88
N GLU B 134 -25.02 -5.25 13.70
CA GLU B 134 -25.33 -3.98 13.08
C GLU B 134 -24.61 -3.80 11.74
N GLY B 135 -23.68 -4.68 11.42
CA GLY B 135 -22.99 -4.69 10.14
C GLY B 135 -21.81 -3.77 10.09
N ASN B 136 -21.24 -3.42 11.24
CA ASN B 136 -20.10 -2.52 11.34
C ASN B 136 -19.08 -3.15 12.26
N VAL B 137 -17.85 -2.65 12.18
CA VAL B 137 -16.79 -3.05 13.10
C VAL B 137 -16.60 -1.91 14.10
N ARG B 138 -16.55 -2.25 15.39
CA ARG B 138 -16.45 -1.26 16.45
C ARG B 138 -15.39 -1.68 17.45
N VAL B 139 -14.83 -0.69 18.14
CA VAL B 139 -13.83 -0.94 19.17
C VAL B 139 -14.49 -1.68 20.33
N SER B 140 -13.92 -2.82 20.69
CA SER B 140 -14.42 -3.62 21.80
C SER B 140 -13.68 -3.38 23.10
N ARG B 141 -12.38 -3.12 23.05
CA ARG B 141 -11.63 -2.94 24.29
C ARG B 141 -10.37 -2.12 24.03
N GLU B 142 -9.94 -1.39 25.06
CA GLU B 142 -8.67 -0.67 25.05
C GLU B 142 -7.91 -1.04 26.31
N LEU B 143 -6.67 -1.51 26.15
CA LEU B 143 -5.82 -1.93 27.25
C LEU B 143 -4.66 -0.97 27.39
N ALA B 144 -4.49 -0.41 28.58
CA ALA B 144 -3.45 0.56 28.86
C ALA B 144 -2.75 0.21 30.17
N GLY B 145 -1.53 0.69 30.31
CA GLY B 145 -0.73 0.40 31.49
C GLY B 145 0.76 0.25 31.19
N HIS B 146 1.11 0.14 29.91
CA HIS B 146 2.51 0.12 29.52
C HIS B 146 3.06 1.55 29.50
N THR B 147 4.39 1.66 29.58
CA THR B 147 5.07 2.94 29.57
C THR B 147 5.91 3.15 28.32
N GLY B 148 5.88 2.20 27.37
CA GLY B 148 6.63 2.32 26.15
C GLY B 148 5.82 1.77 24.98
N TYR B 149 6.34 1.99 23.78
CA TYR B 149 5.63 1.57 22.58
C TYR B 149 5.48 0.05 22.56
N LEU B 150 4.34 -0.41 22.04
CA LEU B 150 4.08 -1.84 21.92
C LEU B 150 4.79 -2.41 20.71
N SER B 151 5.34 -3.62 20.87
CA SER B 151 6.09 -4.27 19.82
C SER B 151 5.40 -5.49 19.23
N CYS B 152 4.64 -6.24 20.03
CA CYS B 152 4.00 -7.45 19.54
C CYS B 152 2.81 -7.78 20.43
N CYS B 153 1.95 -8.65 19.92
CA CYS B 153 0.80 -9.15 20.68
C CYS B 153 0.30 -10.42 20.01
N ARG B 154 -0.21 -11.34 20.83
CA ARG B 154 -0.72 -12.61 20.33
C ARG B 154 -1.85 -13.11 21.21
N PHE B 155 -2.93 -13.57 20.58
CA PHE B 155 -4.07 -14.14 21.29
C PHE B 155 -3.74 -15.55 21.77
N LEU B 156 -4.21 -15.87 22.98
CA LEU B 156 -4.24 -17.25 23.45
C LEU B 156 -5.61 -17.87 23.26
N ASP B 157 -6.65 -17.17 23.66
CA ASP B 157 -8.04 -17.56 23.39
C ASP B 157 -8.86 -16.28 23.27
N ASP B 158 -10.17 -16.40 23.37
CA ASP B 158 -11.05 -15.24 23.22
C ASP B 158 -10.97 -14.27 24.39
N ASN B 159 -10.31 -14.65 25.50
CA ASN B 159 -10.29 -13.81 26.69
C ASN B 159 -8.89 -13.68 27.29
N GLN B 160 -7.83 -13.91 26.50
CA GLN B 160 -6.48 -13.79 27.01
C GLN B 160 -5.56 -13.33 25.88
N ILE B 161 -4.55 -12.54 26.26
CA ILE B 161 -3.59 -12.01 25.30
C ILE B 161 -2.34 -11.59 26.06
N VAL B 162 -1.19 -11.74 25.42
CA VAL B 162 0.10 -11.34 25.98
C VAL B 162 0.67 -10.23 25.11
N THR B 163 1.35 -9.28 25.76
CA THR B 163 1.92 -8.15 25.04
C THR B 163 3.36 -7.91 25.47
N SER B 164 4.09 -7.23 24.58
CA SER B 164 5.49 -6.85 24.74
C SER B 164 5.63 -5.35 24.50
N SER B 165 6.43 -4.70 25.33
CA SER B 165 6.53 -3.25 25.35
C SER B 165 7.97 -2.80 25.22
N GLY B 166 8.13 -1.54 24.79
CA GLY B 166 9.45 -0.95 24.65
C GLY B 166 10.20 -0.78 25.94
N ASP B 167 9.50 -0.75 27.07
CA ASP B 167 10.15 -0.88 28.37
C ASP B 167 10.38 -2.37 28.66
N THR B 168 11.25 -2.63 29.64
CA THR B 168 11.70 -3.99 29.92
C THR B 168 10.62 -4.75 30.69
N THR B 169 9.59 -5.18 29.96
CA THR B 169 8.51 -5.90 30.62
C THR B 169 7.57 -6.48 29.56
N CYS B 170 7.01 -7.65 29.87
CA CYS B 170 5.90 -8.22 29.14
C CYS B 170 4.73 -8.38 30.09
N ALA B 171 3.54 -8.65 29.54
CA ALA B 171 2.36 -8.71 30.40
C ALA B 171 1.32 -9.66 29.82
N LEU B 172 0.44 -10.13 30.70
CA LEU B 172 -0.71 -10.95 30.34
C LEU B 172 -1.99 -10.27 30.81
N TRP B 173 -2.97 -10.14 29.91
CA TRP B 173 -4.16 -9.35 30.17
C TRP B 173 -5.40 -10.22 30.26
N ASP B 174 -6.44 -9.65 30.87
CA ASP B 174 -7.79 -10.22 30.91
C ASP B 174 -8.71 -9.25 30.19
N ILE B 175 -9.21 -9.64 29.02
CA ILE B 175 -9.93 -8.70 28.16
C ILE B 175 -11.24 -8.24 28.81
N GLU B 176 -11.89 -9.12 29.57
CA GLU B 176 -13.19 -8.76 30.13
C GLU B 176 -13.06 -7.64 31.17
N THR B 177 -12.07 -7.77 32.06
CA THR B 177 -11.90 -6.80 33.14
C THR B 177 -10.99 -5.65 32.75
N GLY B 178 -10.13 -5.83 31.75
CA GLY B 178 -9.26 -4.77 31.30
C GLY B 178 -8.09 -4.52 32.21
N GLN B 179 -7.69 -5.51 32.99
CA GLN B 179 -6.63 -5.40 33.98
C GLN B 179 -5.56 -6.44 33.69
N GLN B 180 -4.34 -6.21 34.19
CA GLN B 180 -3.19 -7.13 34.03
C GLN B 180 -3.24 -8.20 35.12
N THR B 181 -2.95 -9.45 34.80
CA THR B 181 -2.95 -10.58 35.72
C THR B 181 -1.57 -11.12 35.99
N THR B 182 -0.59 -10.87 35.12
CA THR B 182 0.77 -11.29 35.34
C THR B 182 1.69 -10.34 34.58
N THR B 183 2.94 -10.27 35.06
CA THR B 183 3.97 -9.43 34.47
C THR B 183 5.28 -10.21 34.46
N PHE B 184 6.09 -9.94 33.44
CA PHE B 184 7.38 -10.61 33.26
C PHE B 184 8.45 -9.54 33.13
N THR B 185 9.35 -9.47 34.11
CA THR B 185 10.38 -8.43 34.17
C THR B 185 11.73 -9.08 34.46
N GLY B 186 12.53 -9.28 33.42
CA GLY B 186 13.90 -9.74 33.60
C GLY B 186 14.87 -9.20 32.58
N HIS B 187 14.42 -8.29 31.72
CA HIS B 187 15.22 -7.77 30.62
C HIS B 187 15.81 -6.42 30.97
N THR B 188 16.88 -6.05 30.26
CA THR B 188 17.53 -4.75 30.38
C THR B 188 17.75 -4.25 28.96
N GLY B 189 16.74 -3.59 28.41
CA GLY B 189 16.77 -3.15 27.02
C GLY B 189 15.37 -2.89 26.50
N ASP B 190 15.08 -3.37 25.29
CA ASP B 190 13.76 -3.24 24.68
C ASP B 190 13.36 -4.59 24.11
N VAL B 191 12.16 -5.04 24.45
CA VAL B 191 11.65 -6.30 23.94
C VAL B 191 11.03 -6.04 22.58
N MET B 192 11.47 -6.81 21.56
CA MET B 192 11.08 -6.53 20.19
C MET B 192 10.14 -7.56 19.58
N SER B 193 10.05 -8.76 20.13
CA SER B 193 9.24 -9.80 19.53
C SER B 193 9.00 -10.91 20.54
N LEU B 194 8.00 -11.74 20.24
CA LEU B 194 7.70 -12.91 21.04
C LEU B 194 6.98 -13.94 20.17
N SER B 195 6.98 -15.19 20.65
CA SER B 195 6.39 -16.30 19.92
C SER B 195 5.77 -17.27 20.92
N LEU B 196 4.59 -17.78 20.58
CA LEU B 196 3.86 -18.72 21.43
C LEU B 196 4.14 -20.15 21.00
N ALA B 197 4.00 -21.07 21.95
CA ALA B 197 4.18 -22.49 21.69
C ALA B 197 2.88 -23.11 21.21
N PRO B 198 2.96 -24.23 20.50
CA PRO B 198 1.71 -24.90 20.05
C PRO B 198 0.80 -25.29 21.19
N ASP B 199 1.36 -25.67 22.35
CA ASP B 199 0.55 -26.06 23.50
C ASP B 199 0.09 -24.87 24.33
N THR B 200 0.57 -23.66 24.04
CA THR B 200 0.13 -22.45 24.72
C THR B 200 0.44 -22.55 26.22
N ARG B 201 1.61 -23.08 26.55
CA ARG B 201 2.09 -23.16 27.92
C ARG B 201 3.37 -22.37 28.16
N LEU B 202 4.13 -22.05 27.11
CA LEU B 202 5.39 -21.33 27.24
C LEU B 202 5.51 -20.36 26.08
N PHE B 203 6.35 -19.35 26.26
CA PHE B 203 6.67 -18.42 25.18
C PHE B 203 8.07 -17.86 25.40
N VAL B 204 8.64 -17.35 24.32
CA VAL B 204 10.03 -16.88 24.33
C VAL B 204 10.05 -15.43 23.89
N SER B 205 11.06 -14.69 24.37
CA SER B 205 11.17 -13.27 24.05
C SER B 205 12.61 -12.94 23.67
N GLY B 206 12.74 -11.85 22.92
CA GLY B 206 14.03 -11.31 22.50
C GLY B 206 14.13 -9.81 22.66
N ALA B 207 15.20 -9.32 23.28
CA ALA B 207 15.37 -7.93 23.65
C ALA B 207 16.57 -7.32 22.96
N CYS B 208 16.82 -6.04 23.24
CA CYS B 208 17.91 -5.28 22.65
C CYS B 208 19.24 -5.46 23.37
N ASP B 209 19.29 -6.26 24.43
CA ASP B 209 20.54 -6.60 25.11
C ASP B 209 21.17 -7.87 24.56
N ALA B 210 20.70 -8.36 23.41
CA ALA B 210 21.25 -9.55 22.78
C ALA B 210 21.08 -10.77 23.69
N SER B 211 19.83 -11.02 24.07
CA SER B 211 19.50 -12.15 24.93
C SER B 211 18.09 -12.59 24.62
N ALA B 212 17.79 -13.84 24.94
CA ALA B 212 16.45 -14.39 24.77
C ALA B 212 16.06 -15.14 26.04
N LYS B 213 14.77 -15.11 26.37
CA LYS B 213 14.29 -15.71 27.60
C LYS B 213 13.09 -16.61 27.35
N LEU B 214 12.96 -17.64 28.18
CA LEU B 214 11.84 -18.58 28.14
C LEU B 214 11.00 -18.40 29.40
N TRP B 215 9.71 -18.11 29.22
CA TRP B 215 8.80 -17.81 30.32
C TRP B 215 7.77 -18.92 30.50
N ASP B 216 7.16 -18.94 31.69
CA ASP B 216 6.07 -19.84 32.02
C ASP B 216 4.82 -19.01 32.28
N VAL B 217 3.73 -19.31 31.55
CA VAL B 217 2.55 -18.46 31.61
C VAL B 217 1.87 -18.55 32.96
N ARG B 218 1.70 -19.77 33.49
CA ARG B 218 0.96 -19.94 34.73
C ARG B 218 1.71 -19.37 35.92
N GLU B 219 2.91 -19.90 36.18
CA GLU B 219 3.67 -19.46 37.35
C GLU B 219 4.26 -18.07 37.16
N GLY B 220 4.65 -17.71 35.94
CA GLY B 220 5.14 -16.37 35.70
C GLY B 220 6.60 -16.17 36.04
N MET B 221 7.44 -17.19 35.84
CA MET B 221 8.84 -17.12 36.20
C MET B 221 9.68 -17.39 34.96
N CYS B 222 10.86 -16.80 34.89
CA CYS B 222 11.75 -17.13 33.81
C CYS B 222 12.30 -18.54 34.06
N ARG B 223 12.61 -19.24 32.98
CA ARG B 223 13.14 -20.60 33.06
C ARG B 223 14.57 -20.68 32.55
N GLN B 224 14.84 -20.14 31.37
CA GLN B 224 16.15 -20.25 30.75
C GLN B 224 16.45 -18.97 30.00
N THR B 225 17.75 -18.73 29.81
CA THR B 225 18.25 -17.57 29.09
C THR B 225 19.27 -18.03 28.06
N PHE B 226 19.21 -17.44 26.87
CA PHE B 226 20.06 -17.81 25.76
C PHE B 226 20.80 -16.58 25.25
N THR B 227 22.09 -16.76 24.95
CA THR B 227 22.95 -15.67 24.48
C THR B 227 23.80 -16.18 23.33
N GLY B 228 24.48 -15.25 22.66
CA GLY B 228 25.36 -15.59 21.57
C GLY B 228 25.38 -14.56 20.46
N HIS B 229 24.33 -13.75 20.38
CA HIS B 229 24.28 -12.69 19.39
C HIS B 229 25.12 -11.50 19.86
N GLU B 230 25.44 -10.62 18.92
CA GLU B 230 26.27 -9.45 19.18
C GLU B 230 25.52 -8.13 19.08
N SER B 231 24.28 -8.13 18.61
CA SER B 231 23.52 -6.90 18.43
C SER B 231 22.07 -7.18 18.80
N ASP B 232 21.19 -6.25 18.43
CA ASP B 232 19.79 -6.36 18.80
C ASP B 232 19.09 -7.48 18.03
N ILE B 233 18.13 -8.12 18.69
CA ILE B 233 17.35 -9.20 18.11
C ILE B 233 16.01 -8.63 17.65
N ASN B 234 15.64 -8.89 16.39
CA ASN B 234 14.42 -8.36 15.82
C ASN B 234 13.37 -9.40 15.48
N ALA B 235 13.71 -10.68 15.49
CA ALA B 235 12.76 -11.72 15.09
C ALA B 235 13.02 -12.99 15.89
N ILE B 236 11.98 -13.80 16.02
CA ILE B 236 12.04 -15.04 16.78
C ILE B 236 10.84 -15.89 16.39
N CYS B 237 11.05 -17.20 16.34
CA CYS B 237 10.01 -18.13 15.89
C CYS B 237 10.23 -19.49 16.53
N PHE B 238 9.15 -20.27 16.61
CA PHE B 238 9.18 -21.61 17.21
C PHE B 238 9.27 -22.68 16.13
N PHE B 239 10.00 -23.76 16.45
CA PHE B 239 10.02 -24.93 15.60
C PHE B 239 8.67 -25.65 15.67
N PRO B 240 8.23 -26.28 14.58
CA PRO B 240 6.91 -26.94 14.60
C PRO B 240 6.78 -27.97 15.72
N ASN B 241 7.86 -28.68 16.04
CA ASN B 241 7.82 -29.65 17.14
C ASN B 241 7.58 -28.97 18.48
N GLY B 242 8.13 -27.78 18.68
CA GLY B 242 8.01 -27.07 19.94
C GLY B 242 9.18 -27.24 20.89
N ASN B 243 10.31 -27.77 20.42
CA ASN B 243 11.48 -28.00 21.26
C ASN B 243 12.71 -27.23 20.78
N ALA B 244 12.52 -26.18 19.99
CA ALA B 244 13.63 -25.38 19.49
C ALA B 244 13.05 -24.08 18.94
N PHE B 245 13.94 -23.12 18.68
CA PHE B 245 13.51 -21.86 18.10
C PHE B 245 14.67 -21.23 17.33
N ALA B 246 14.34 -20.23 16.52
CA ALA B 246 15.30 -19.56 15.66
C ALA B 246 15.22 -18.06 15.90
N THR B 247 16.38 -17.40 15.82
CA THR B 247 16.49 -15.97 16.11
C THR B 247 17.29 -15.26 15.03
N GLY B 248 16.95 -13.98 14.82
CA GLY B 248 17.65 -13.14 13.87
C GLY B 248 17.92 -11.74 14.38
N SER B 249 19.13 -11.24 14.12
CA SER B 249 19.60 -9.99 14.70
C SER B 249 20.16 -9.03 13.65
N ASP B 250 20.82 -7.97 14.12
CA ASP B 250 21.45 -6.98 13.25
C ASP B 250 22.82 -7.40 12.76
N ASP B 251 23.35 -8.54 13.22
CA ASP B 251 24.65 -9.00 12.76
C ASP B 251 24.62 -9.55 11.35
N ALA B 252 23.45 -9.68 10.73
CA ALA B 252 23.30 -10.34 9.44
C ALA B 252 23.50 -11.85 9.59
N THR B 253 22.96 -12.42 10.67
CA THR B 253 23.09 -13.84 10.93
C THR B 253 21.84 -14.35 11.62
N CYS B 254 21.54 -15.63 11.42
CA CYS B 254 20.45 -16.30 12.12
C CYS B 254 21.05 -17.42 12.96
N ARG B 255 20.35 -17.80 14.03
CA ARG B 255 20.84 -18.85 14.91
C ARG B 255 19.70 -19.73 15.37
N LEU B 256 20.03 -20.99 15.65
CA LEU B 256 19.06 -21.99 16.10
C LEU B 256 19.41 -22.43 17.51
N PHE B 257 18.43 -22.35 18.42
CA PHE B 257 18.61 -22.72 19.82
C PHE B 257 17.70 -23.88 20.17
N ASP B 258 18.18 -24.71 21.10
CA ASP B 258 17.47 -25.88 21.60
C ASP B 258 17.18 -25.71 23.09
N LEU B 259 16.07 -26.29 23.53
CA LEU B 259 15.63 -26.15 24.92
C LEU B 259 16.17 -27.26 25.82
N ARG B 260 15.98 -28.52 25.44
CA ARG B 260 16.42 -29.62 26.28
C ARG B 260 17.94 -29.65 26.42
N ALA B 261 18.67 -29.38 25.34
CA ALA B 261 20.13 -29.31 25.41
C ALA B 261 20.59 -28.02 26.05
N ASP B 262 19.83 -26.93 25.91
CA ASP B 262 20.13 -25.65 26.55
C ASP B 262 21.41 -25.03 25.99
N GLN B 263 21.48 -24.91 24.68
CA GLN B 263 22.61 -24.26 24.02
C GLN B 263 22.30 -24.16 22.52
N GLU B 264 23.24 -23.55 21.79
CA GLU B 264 23.07 -23.31 20.37
C GLU B 264 23.40 -24.55 19.55
N LEU B 265 22.77 -24.66 18.38
CA LEU B 265 22.97 -25.79 17.48
C LEU B 265 23.62 -25.39 16.17
N MET B 266 23.14 -24.35 15.50
CA MET B 266 23.66 -23.99 14.19
C MET B 266 23.45 -22.50 13.94
N THR B 267 24.23 -21.97 13.00
CA THR B 267 24.17 -20.57 12.60
C THR B 267 24.13 -20.48 11.08
N TYR B 268 23.35 -19.52 10.58
CA TYR B 268 23.14 -19.31 9.15
C TYR B 268 23.59 -17.91 8.79
N SER B 269 24.66 -17.82 8.01
CA SER B 269 25.24 -16.54 7.60
C SER B 269 25.96 -16.72 6.28
N HIS B 270 26.19 -15.60 5.60
CA HIS B 270 26.89 -15.60 4.32
C HIS B 270 27.78 -14.36 4.24
N ASP B 271 28.93 -14.52 3.58
CA ASP B 271 29.92 -13.45 3.56
C ASP B 271 29.46 -12.24 2.78
N ASN B 272 28.57 -12.42 1.81
CA ASN B 272 28.08 -11.32 0.98
C ASN B 272 26.84 -10.64 1.55
N ILE B 273 26.40 -11.05 2.74
CA ILE B 273 25.27 -10.41 3.42
C ILE B 273 25.83 -9.60 4.58
N ILE B 274 25.53 -8.30 4.59
CA ILE B 274 26.09 -7.39 5.59
C ILE B 274 25.00 -6.53 6.22
N CYS B 275 23.74 -6.83 5.92
CA CYS B 275 22.61 -6.07 6.43
C CYS B 275 21.86 -6.89 7.48
N GLY B 276 20.93 -6.22 8.17
CA GLY B 276 20.18 -6.84 9.23
C GLY B 276 19.02 -7.68 8.73
N ILE B 277 18.35 -8.34 9.68
CA ILE B 277 17.23 -9.23 9.40
C ILE B 277 16.00 -8.68 10.10
N THR B 278 14.88 -8.63 9.37
CA THR B 278 13.66 -8.02 9.88
C THR B 278 12.62 -9.03 10.32
N SER B 279 12.60 -10.24 9.76
CA SER B 279 11.58 -11.21 10.08
C SER B 279 12.10 -12.62 9.79
N VAL B 280 11.46 -13.60 10.42
CA VAL B 280 11.87 -15.00 10.33
C VAL B 280 10.63 -15.87 10.42
N SER B 281 10.65 -16.99 9.71
CA SER B 281 9.52 -17.93 9.75
C SER B 281 10.01 -19.31 9.36
N PHE B 282 9.23 -20.32 9.74
CA PHE B 282 9.51 -21.71 9.45
C PHE B 282 8.51 -22.24 8.44
N SER B 283 8.70 -23.50 8.04
CA SER B 283 7.83 -24.17 7.09
C SER B 283 7.34 -25.47 7.71
N LYS B 284 6.17 -25.93 7.24
CA LYS B 284 5.60 -27.16 7.76
C LYS B 284 6.60 -28.30 7.64
N SER B 285 6.77 -29.04 8.73
CA SER B 285 7.78 -30.06 8.93
C SER B 285 9.14 -29.44 9.28
N GLY B 286 9.27 -28.11 9.25
CA GLY B 286 10.49 -27.45 9.69
C GLY B 286 11.74 -27.85 8.93
N ARG B 287 11.66 -27.87 7.59
CA ARG B 287 12.82 -28.18 6.76
C ARG B 287 13.36 -26.96 6.01
N LEU B 288 12.58 -25.90 5.89
CA LEU B 288 13.02 -24.66 5.25
C LEU B 288 12.84 -23.50 6.21
N LEU B 289 13.82 -22.60 6.24
CA LEU B 289 13.78 -21.40 7.07
C LEU B 289 13.78 -20.19 6.15
N LEU B 290 12.77 -19.34 6.29
CA LEU B 290 12.62 -18.16 5.44
C LEU B 290 12.97 -16.91 6.24
N ALA B 291 13.81 -16.06 5.67
CA ALA B 291 14.27 -14.85 6.35
C ALA B 291 14.12 -13.65 5.43
N GLY B 292 13.72 -12.52 6.01
CA GLY B 292 13.59 -11.26 5.29
C GLY B 292 14.70 -10.30 5.70
N TYR B 293 15.36 -9.74 4.70
CA TYR B 293 16.53 -8.90 4.89
C TYR B 293 16.22 -7.45 4.51
N ASP B 294 17.19 -6.58 4.75
CA ASP B 294 17.06 -5.17 4.43
C ASP B 294 17.46 -4.84 3.00
N ASP B 295 18.10 -5.76 2.29
CA ASP B 295 18.46 -5.52 0.88
C ASP B 295 17.37 -6.02 -0.07
N PHE B 296 16.13 -5.66 0.23
CA PHE B 296 15.00 -5.80 -0.69
C PHE B 296 14.79 -7.25 -1.14
N ASN B 297 15.27 -8.23 -0.39
CA ASN B 297 15.23 -9.63 -0.80
C ASN B 297 14.76 -10.51 0.34
N CYS B 298 14.49 -11.77 0.01
CA CYS B 298 14.11 -12.78 1.00
C CYS B 298 14.86 -14.07 0.68
N ASN B 299 15.44 -14.70 1.71
CA ASN B 299 16.29 -15.86 1.52
C ASN B 299 15.66 -17.11 2.14
N VAL B 300 15.95 -18.25 1.51
CA VAL B 300 15.46 -19.55 1.94
C VAL B 300 16.68 -20.41 2.28
N TRP B 301 16.73 -20.91 3.52
CA TRP B 301 17.83 -21.72 4.00
C TRP B 301 17.34 -23.13 4.30
N ASP B 302 18.23 -24.09 4.10
CA ASP B 302 18.00 -25.44 4.60
C ASP B 302 18.17 -25.43 6.11
N ALA B 303 17.20 -26.01 6.83
CA ALA B 303 17.24 -25.95 8.29
C ALA B 303 18.32 -26.87 8.84
N LEU B 304 18.47 -28.07 8.27
CA LEU B 304 19.43 -29.04 8.77
C LEU B 304 20.83 -28.86 8.20
N LYS B 305 21.01 -27.95 7.24
CA LYS B 305 22.31 -27.67 6.65
C LYS B 305 22.46 -26.17 6.47
N ALA B 306 23.71 -25.71 6.43
CA ALA B 306 23.96 -24.29 6.22
C ALA B 306 23.66 -23.84 4.79
N ASP B 307 23.31 -24.76 3.90
CA ASP B 307 23.08 -24.42 2.50
C ASP B 307 21.94 -23.43 2.33
N ARG B 308 22.02 -22.61 1.28
CA ARG B 308 20.93 -21.68 0.90
C ARG B 308 20.28 -22.32 -0.34
N ALA B 309 18.99 -22.62 -0.31
CA ALA B 309 18.29 -23.34 -1.37
C ALA B 309 17.35 -22.46 -2.20
N GLY B 310 17.52 -21.14 -2.18
CA GLY B 310 16.69 -20.32 -3.04
C GLY B 310 16.69 -18.87 -2.62
N VAL B 311 16.01 -18.05 -3.44
CA VAL B 311 15.87 -16.62 -3.22
C VAL B 311 14.48 -16.20 -3.63
N LEU B 312 14.05 -15.04 -3.12
CA LEU B 312 12.71 -14.50 -3.33
C LEU B 312 12.84 -12.99 -3.46
N ALA B 313 13.00 -12.52 -4.70
CA ALA B 313 13.28 -11.12 -5.01
C ALA B 313 12.18 -10.59 -5.91
N GLY B 314 11.26 -9.81 -5.34
CA GLY B 314 10.24 -9.15 -6.13
C GLY B 314 9.82 -7.80 -5.59
N HIS B 315 10.50 -7.32 -4.56
CA HIS B 315 10.16 -6.07 -3.88
C HIS B 315 11.18 -5.00 -4.20
N ASP B 316 10.72 -3.75 -4.18
CA ASP B 316 11.54 -2.60 -4.50
C ASP B 316 11.97 -1.81 -3.27
N ASN B 317 11.75 -2.35 -2.06
CA ASN B 317 12.14 -1.68 -0.83
C ASN B 317 12.28 -2.74 0.25
N ARG B 318 12.43 -2.29 1.49
CA ARG B 318 12.67 -3.18 2.61
C ARG B 318 11.49 -4.13 2.82
N VAL B 319 11.81 -5.36 3.25
CA VAL B 319 10.81 -6.37 3.56
C VAL B 319 10.58 -6.34 5.06
N SER B 320 9.35 -6.02 5.47
CA SER B 320 9.03 -5.83 6.87
C SER B 320 8.51 -7.09 7.56
N CYS B 321 7.78 -7.94 6.85
CA CYS B 321 7.08 -9.04 7.50
C CYS B 321 6.80 -10.15 6.50
N LEU B 322 6.69 -11.37 7.00
CA LEU B 322 6.35 -12.52 6.18
C LEU B 322 5.66 -13.58 7.04
N GLY B 323 4.89 -14.44 6.39
CA GLY B 323 4.16 -15.48 7.11
C GLY B 323 3.79 -16.65 6.22
N VAL B 324 3.57 -17.79 6.87
CA VAL B 324 3.21 -19.03 6.21
C VAL B 324 1.88 -19.53 6.76
N THR B 325 1.11 -20.22 5.92
CA THR B 325 -0.22 -20.70 6.28
C THR B 325 -0.12 -21.95 7.15
N ASP B 326 -1.24 -22.28 7.82
CA ASP B 326 -1.23 -23.44 8.70
C ASP B 326 -1.25 -24.75 7.91
N ASP B 327 -1.67 -24.70 6.64
CA ASP B 327 -1.65 -25.87 5.77
C ASP B 327 -0.35 -25.96 4.98
N GLY B 328 0.38 -24.86 4.87
CA GLY B 328 1.67 -24.84 4.19
C GLY B 328 1.63 -24.75 2.68
N MET B 329 0.67 -24.02 2.11
CA MET B 329 0.52 -23.97 0.67
C MET B 329 1.23 -22.77 0.05
N ALA B 330 1.13 -21.59 0.67
CA ALA B 330 1.68 -20.36 0.12
C ALA B 330 2.44 -19.61 1.20
N VAL B 331 3.12 -18.53 0.78
CA VAL B 331 3.85 -17.65 1.68
C VAL B 331 3.48 -16.21 1.34
N ALA B 332 3.25 -15.39 2.36
CA ALA B 332 2.91 -13.98 2.15
C ALA B 332 4.05 -13.11 2.67
N THR B 333 4.33 -12.02 1.93
CA THR B 333 5.35 -11.07 2.33
C THR B 333 4.87 -9.64 2.11
N GLY B 334 5.24 -8.75 3.03
CA GLY B 334 5.00 -7.33 2.90
C GLY B 334 6.32 -6.57 2.87
N SER B 335 6.23 -5.29 2.51
CA SER B 335 7.43 -4.48 2.32
C SER B 335 7.07 -3.01 2.46
N TRP B 336 8.06 -2.10 2.42
CA TRP B 336 7.90 -0.61 2.51
C TRP B 336 7.49 -0.06 1.14
N ASP B 337 7.40 -0.86 0.08
CA ASP B 337 6.93 -0.41 -1.25
C ASP B 337 5.39 -0.30 -1.28
N SER B 338 4.67 -0.64 -0.19
CA SER B 338 3.19 -0.52 -0.05
C SER B 338 2.43 -1.69 -0.69
N PHE B 339 3.10 -2.74 -1.15
CA PHE B 339 2.48 -3.89 -1.85
C PHE B 339 2.74 -5.22 -1.11
N LEU B 340 1.71 -6.04 -0.92
CA LEU B 340 1.85 -7.40 -0.33
C LEU B 340 1.88 -8.41 -1.49
N LYS B 341 2.70 -9.46 -1.41
CA LYS B 341 2.73 -10.52 -2.41
C LYS B 341 2.55 -11.89 -1.77
N ILE B 342 2.11 -12.83 -2.60
CA ILE B 342 1.86 -14.21 -2.23
C ILE B 342 2.63 -15.09 -3.20
N TRP B 343 3.44 -16.00 -2.67
CA TRP B 343 4.32 -16.85 -3.47
C TRP B 343 3.97 -18.31 -3.24
N ASN B 344 4.07 -19.09 -4.32
CA ASN B 344 3.78 -20.51 -4.26
C ASN B 344 4.75 -21.27 -5.14
N ALA C 7 19.04 -0.60 48.47
CA ALA C 7 18.84 -0.45 47.03
C ALA C 7 19.73 -1.42 46.26
N SER C 8 21.05 -1.26 46.44
CA SER C 8 22.01 -2.12 45.76
C SER C 8 22.01 -3.55 46.29
N ILE C 9 21.37 -3.80 47.43
CA ILE C 9 21.34 -5.15 48.00
C ILE C 9 20.20 -5.97 47.42
N ALA C 10 19.02 -5.37 47.24
CA ALA C 10 17.89 -6.11 46.72
C ALA C 10 18.15 -6.61 45.30
N GLN C 11 18.72 -5.76 44.45
CA GLN C 11 19.00 -6.17 43.08
C GLN C 11 20.01 -7.32 43.05
N ALA C 12 21.07 -7.22 43.85
CA ALA C 12 22.06 -8.29 43.88
C ALA C 12 21.46 -9.59 44.40
N ARG C 13 20.61 -9.52 45.43
CA ARG C 13 19.98 -10.72 45.95
C ARG C 13 19.07 -11.35 44.90
N LYS C 14 18.29 -10.53 44.19
CA LYS C 14 17.42 -11.07 43.14
C LYS C 14 18.24 -11.72 42.04
N LEU C 15 19.34 -11.07 41.63
CA LEU C 15 20.17 -11.62 40.57
C LEU C 15 20.77 -12.96 41.01
N VAL C 16 21.26 -13.04 42.24
CA VAL C 16 21.87 -14.29 42.70
C VAL C 16 20.82 -15.40 42.77
N GLU C 17 19.64 -15.09 43.29
CA GLU C 17 18.62 -16.14 43.41
C GLU C 17 18.17 -16.62 42.03
N GLN C 18 17.94 -15.68 41.11
CA GLN C 18 17.51 -16.08 39.78
C GLN C 18 18.60 -16.91 39.10
N LEU C 19 19.86 -16.49 39.22
CA LEU C 19 20.93 -17.26 38.61
C LEU C 19 21.11 -18.59 39.30
N LYS C 20 20.57 -18.76 40.51
CA LYS C 20 20.72 -19.99 41.26
C LYS C 20 19.66 -21.00 40.88
N MET C 21 18.49 -20.52 40.44
CA MET C 21 17.44 -21.44 40.03
C MET C 21 17.67 -22.02 38.63
N GLU C 22 18.49 -21.38 37.80
CA GLU C 22 18.79 -21.84 36.45
C GLU C 22 19.93 -22.84 36.38
N ALA C 23 20.57 -23.16 37.51
CA ALA C 23 21.68 -24.11 37.55
C ALA C 23 21.26 -25.51 38.00
N ASN C 24 19.98 -25.77 38.12
CA ASN C 24 19.49 -27.08 38.57
C ASN C 24 18.75 -27.84 37.48
N ILE C 25 18.72 -27.32 36.24
CA ILE C 25 18.04 -28.02 35.17
C ILE C 25 18.81 -29.28 34.79
N ASP C 26 18.06 -30.29 34.30
CA ASP C 26 18.65 -31.52 33.77
C ASP C 26 18.81 -31.40 32.26
N ARG C 27 20.01 -31.70 31.77
CA ARG C 27 20.34 -31.53 30.36
C ARG C 27 20.68 -32.87 29.73
N ILE C 28 20.38 -32.98 28.43
CA ILE C 28 20.69 -34.18 27.65
C ILE C 28 21.76 -33.83 26.62
N LYS C 29 22.43 -34.87 26.12
CA LYS C 29 23.51 -34.68 25.18
C LYS C 29 22.99 -34.09 23.87
N VAL C 30 23.86 -33.37 23.17
CA VAL C 30 23.48 -32.76 21.90
C VAL C 30 23.14 -33.80 20.84
N SER C 31 23.69 -35.01 20.95
CA SER C 31 23.37 -36.06 19.98
C SER C 31 21.89 -36.43 20.03
N LYS C 32 21.34 -36.58 21.23
CA LYS C 32 19.94 -36.96 21.37
C LYS C 32 19.03 -35.82 20.91
N ALA C 33 19.41 -34.58 21.20
CA ALA C 33 18.56 -33.46 20.81
C ALA C 33 18.61 -33.26 19.30
N ALA C 34 19.76 -33.56 18.68
CA ALA C 34 19.93 -33.39 17.24
C ALA C 34 19.35 -34.54 16.44
N ALA C 35 19.04 -35.68 17.07
CA ALA C 35 18.45 -36.79 16.35
C ALA C 35 16.93 -36.71 16.27
N ASP C 36 16.28 -36.09 17.25
CA ASP C 36 14.83 -35.96 17.22
C ASP C 36 14.36 -34.97 16.16
N LEU C 37 15.13 -33.90 15.92
CA LEU C 37 14.75 -32.97 14.87
C LEU C 37 14.84 -33.67 13.51
N MET C 38 15.85 -34.52 13.34
CA MET C 38 15.99 -35.25 12.09
C MET C 38 14.91 -36.30 11.95
N ALA C 39 14.42 -36.86 13.05
CA ALA C 39 13.34 -37.82 12.88
C ALA C 39 12.03 -37.11 12.54
N TYR C 40 11.81 -35.93 13.15
CA TYR C 40 10.61 -35.17 12.86
C TYR C 40 10.56 -34.70 11.41
N CYS C 41 11.70 -34.28 10.85
CA CYS C 41 11.65 -33.77 9.47
C CYS C 41 11.44 -34.90 8.46
N GLU C 42 11.80 -36.12 8.83
CA GLU C 42 11.63 -37.29 7.97
C GLU C 42 10.25 -37.91 8.09
N ALA C 43 9.56 -37.73 9.23
CA ALA C 43 8.24 -38.31 9.37
C ALA C 43 7.14 -37.45 8.73
N HIS C 44 7.42 -36.19 8.41
CA HIS C 44 6.44 -35.28 7.82
C HIS C 44 6.86 -34.75 6.45
N ALA C 45 7.81 -35.40 5.79
CA ALA C 45 8.24 -34.95 4.46
C ALA C 45 7.23 -35.26 3.37
N LYS C 46 6.36 -36.25 3.56
CA LYS C 46 5.38 -36.60 2.55
C LYS C 46 4.26 -35.57 2.43
N GLU C 47 4.12 -34.66 3.39
CA GLU C 47 3.09 -33.61 3.36
C GLU C 47 3.76 -32.26 3.62
N ASP C 48 4.29 -31.67 2.56
CA ASP C 48 4.91 -30.36 2.61
C ASP C 48 4.85 -29.72 1.23
N PRO C 49 3.82 -28.92 0.94
CA PRO C 49 3.66 -28.40 -0.43
C PRO C 49 4.84 -27.58 -0.92
N LEU C 50 5.53 -26.84 -0.04
CA LEU C 50 6.59 -25.97 -0.50
C LEU C 50 7.85 -26.73 -0.89
N LEU C 51 8.02 -27.96 -0.40
CA LEU C 51 9.17 -28.76 -0.82
C LEU C 51 8.92 -29.41 -2.18
N THR C 52 7.85 -30.19 -2.28
CA THR C 52 7.48 -30.85 -3.53
C THR C 52 6.28 -30.13 -4.12
N PRO C 53 6.42 -29.40 -5.23
CA PRO C 53 5.26 -28.69 -5.79
C PRO C 53 4.21 -29.67 -6.30
N VAL C 54 3.00 -29.57 -5.74
CA VAL C 54 1.89 -30.43 -6.13
C VAL C 54 1.41 -30.03 -7.52
N PRO C 55 0.74 -30.91 -8.25
CA PRO C 55 0.24 -30.54 -9.59
C PRO C 55 -0.67 -29.34 -9.53
N ALA C 56 -1.00 -28.82 -10.72
CA ALA C 56 -1.78 -27.60 -10.85
C ALA C 56 -3.28 -27.81 -10.67
N SER C 57 -3.70 -28.96 -10.15
CA SER C 57 -5.12 -29.23 -9.94
C SER C 57 -5.57 -28.95 -8.51
N GLU C 58 -4.74 -29.29 -7.52
CA GLU C 58 -5.07 -29.03 -6.12
C GLU C 58 -4.63 -27.65 -5.67
N ASN C 59 -3.79 -26.97 -6.44
CA ASN C 59 -3.31 -25.64 -6.08
C ASN C 59 -4.45 -24.64 -6.09
N PRO C 60 -4.86 -24.09 -4.96
CA PRO C 60 -5.93 -23.08 -4.97
C PRO C 60 -5.48 -21.74 -5.53
N PHE C 61 -4.18 -21.53 -5.74
CA PHE C 61 -3.65 -20.29 -6.27
C PHE C 61 -3.15 -20.42 -7.71
N ARG C 62 -3.62 -21.43 -8.42
CA ARG C 62 -3.11 -21.68 -9.78
C ARG C 62 -3.35 -20.47 -10.67
N GLU C 63 -4.56 -19.91 -10.62
CA GLU C 63 -4.89 -18.71 -11.40
C GLU C 63 -6.33 -18.30 -11.13
N ASP D 119 6.80 15.50 -62.61
CA ASP D 119 7.73 14.36 -62.78
C ASP D 119 8.62 14.23 -61.54
N ILE D 120 9.29 13.09 -61.36
CA ILE D 120 10.20 12.85 -60.19
C ILE D 120 11.64 13.17 -60.61
N GLU D 121 11.87 13.53 -61.88
CA GLU D 121 13.23 13.87 -62.39
C GLU D 121 13.51 15.36 -62.24
N CYS D 122 12.50 16.21 -62.36
CA CYS D 122 12.65 17.69 -62.27
C CYS D 122 13.05 18.13 -60.85
N PHE D 123 12.47 17.55 -59.79
CA PHE D 123 12.70 17.96 -58.38
C PHE D 123 14.17 17.77 -58.03
N MET D 124 14.82 16.72 -58.52
CA MET D 124 16.23 16.42 -58.15
C MET D 124 17.12 17.50 -58.76
N VAL D 125 17.76 18.35 -57.92
CA VAL D 125 18.52 19.48 -58.39
C VAL D 125 19.96 19.41 -57.85
N LEU D 126 20.24 18.66 -56.82
CA LEU D 126 21.57 18.63 -56.17
C LEU D 126 22.62 18.30 -57.24
N ASN D 127 23.71 19.08 -57.32
CA ASN D 127 24.79 18.88 -58.32
C ASN D 127 25.71 17.75 -57.85
N PRO D 128 26.58 17.19 -58.71
CA PRO D 128 27.42 16.05 -58.33
C PRO D 128 28.32 16.39 -57.15
N SER D 129 28.86 17.61 -57.09
CA SER D 129 29.76 18.06 -55.99
C SER D 129 28.98 18.11 -54.67
N GLN D 130 27.77 18.67 -54.67
CA GLN D 130 26.95 18.84 -53.45
C GLN D 130 26.56 17.46 -52.89
N GLN D 131 26.43 16.45 -53.74
CA GLN D 131 25.98 15.09 -53.34
C GLN D 131 26.93 14.50 -52.30
N LEU D 132 28.24 14.73 -52.42
CA LEU D 132 29.24 14.13 -51.52
C LEU D 132 28.99 14.62 -50.09
N ALA D 133 28.74 15.91 -49.90
CA ALA D 133 28.53 16.51 -48.57
C ALA D 133 27.28 15.92 -47.91
N ILE D 134 26.15 15.90 -48.62
CA ILE D 134 24.85 15.37 -48.08
C ILE D 134 25.11 13.99 -47.49
N ALA D 135 25.74 13.08 -48.23
CA ALA D 135 25.93 11.68 -47.79
C ALA D 135 26.78 11.60 -46.53
N VAL D 136 27.94 12.25 -46.49
CA VAL D 136 28.87 12.14 -45.32
C VAL D 136 28.18 12.72 -44.09
N LEU D 137 27.53 13.87 -44.22
CA LEU D 137 26.89 14.55 -43.06
C LEU D 137 25.74 13.69 -42.55
N SER D 138 24.88 13.18 -43.42
CA SER D 138 23.68 12.38 -43.01
C SER D 138 24.13 11.12 -42.31
N LEU D 139 25.13 10.41 -42.83
CA LEU D 139 25.58 9.11 -42.25
C LEU D 139 26.11 9.32 -40.83
N THR D 140 27.14 10.15 -40.65
CA THR D 140 27.79 10.36 -39.32
C THR D 140 26.80 10.96 -38.32
N LEU D 141 26.05 12.00 -38.71
CA LEU D 141 25.12 12.70 -37.79
C LEU D 141 24.06 11.69 -37.33
N GLY D 142 23.53 10.87 -38.25
CA GLY D 142 22.48 9.90 -37.92
C GLY D 142 22.97 8.89 -36.91
N THR D 143 24.23 8.45 -37.00
CA THR D 143 24.81 7.44 -36.08
C THR D 143 24.82 7.99 -34.65
N PHE D 144 25.19 9.26 -34.46
CA PHE D 144 25.20 9.90 -33.12
C PHE D 144 23.78 9.92 -32.56
N THR D 145 22.78 10.23 -33.39
CA THR D 145 21.37 10.33 -32.95
C THR D 145 20.92 9.00 -32.36
N VAL D 146 21.18 7.89 -33.04
CA VAL D 146 20.73 6.53 -32.59
C VAL D 146 21.51 6.13 -31.34
N LEU D 147 22.82 6.35 -31.29
CA LEU D 147 23.66 5.91 -30.15
C LEU D 147 23.25 6.66 -28.88
N GLU D 148 23.11 7.99 -28.96
CA GLU D 148 22.79 8.82 -27.76
C GLU D 148 21.42 8.42 -27.22
N ASN D 149 20.41 8.31 -28.08
CA ASN D 149 19.02 8.01 -27.63
C ASN D 149 19.01 6.61 -27.02
N LEU D 150 19.79 5.67 -27.56
CA LEU D 150 19.80 4.25 -27.08
C LEU D 150 20.31 4.18 -25.63
N LEU D 151 21.43 4.84 -25.31
CA LEU D 151 22.03 4.82 -23.95
C LEU D 151 21.06 5.47 -22.96
N VAL D 152 20.42 6.58 -23.34
CA VAL D 152 19.48 7.32 -22.46
C VAL D 152 18.32 6.39 -22.10
N LEU D 153 17.79 5.64 -23.08
CA LEU D 153 16.61 4.77 -22.84
C LEU D 153 16.97 3.68 -21.83
N CYS D 154 18.14 3.06 -21.93
CA CYS D 154 18.55 1.94 -21.03
C CYS D 154 18.69 2.39 -19.58
N VAL D 155 19.28 3.56 -19.32
CA VAL D 155 19.50 4.07 -17.93
C VAL D 155 18.14 4.32 -17.28
N ILE D 156 17.16 4.79 -18.03
CA ILE D 156 15.79 5.08 -17.51
C ILE D 156 15.00 3.77 -17.50
N LEU D 157 15.59 2.67 -18.00
CA LEU D 157 14.94 1.33 -18.02
C LEU D 157 15.56 0.42 -16.96
N HIS D 158 16.80 0.69 -16.53
CA HIS D 158 17.54 -0.16 -15.55
C HIS D 158 17.54 0.46 -14.16
N SER D 159 16.80 1.55 -13.92
CA SER D 159 16.69 2.21 -12.59
C SER D 159 15.23 2.21 -12.12
N ARG D 160 14.96 1.67 -10.93
CA ARG D 160 13.59 1.60 -10.35
C ARG D 160 13.13 3.02 -9.98
N SER D 161 14.02 3.84 -9.43
CA SER D 161 13.68 5.22 -9.01
C SER D 161 13.26 6.06 -10.23
N LEU D 162 14.05 6.01 -11.31
CA LEU D 162 13.76 6.79 -12.54
C LEU D 162 12.47 6.26 -13.17
N ARG D 163 12.26 4.94 -13.17
CA ARG D 163 11.09 4.32 -13.84
C ARG D 163 9.78 4.81 -13.22
N CYS D 164 9.69 4.91 -11.90
CA CYS D 164 8.44 5.30 -11.19
C CYS D 164 8.07 6.75 -11.53
N ARG D 165 9.05 7.65 -11.61
CA ARG D 165 8.75 9.08 -11.84
C ARG D 165 7.91 9.26 -13.10
N PRO D 166 6.77 9.99 -13.06
CA PRO D 166 6.00 10.27 -14.28
C PRO D 166 6.49 11.50 -15.04
N SER D 167 7.81 11.63 -15.17
CA SER D 167 8.38 12.74 -15.91
C SER D 167 9.42 12.23 -16.91
N TYR D 168 10.01 11.08 -16.62
CA TYR D 168 10.97 10.47 -17.54
C TYR D 168 10.29 9.66 -18.64
N HIS D 169 8.99 9.40 -18.50
CA HIS D 169 8.25 8.78 -19.59
C HIS D 169 8.28 9.66 -20.83
N PHE D 170 8.12 10.98 -20.64
CA PHE D 170 8.17 11.90 -21.77
C PHE D 170 9.55 11.92 -22.42
N ILE D 171 10.61 11.85 -21.61
CA ILE D 171 11.96 11.80 -22.17
C ILE D 171 12.16 10.53 -22.97
N GLY D 172 11.71 9.39 -22.45
CA GLY D 172 11.80 8.15 -23.21
C GLY D 172 11.02 8.21 -24.51
N SER D 173 9.81 8.80 -24.47
CA SER D 173 9.01 8.96 -25.67
C SER D 173 9.74 9.82 -26.70
N LEU D 174 10.34 10.92 -26.24
CA LEU D 174 11.09 11.78 -27.15
C LEU D 174 12.25 11.02 -27.77
N ALA D 175 12.96 10.23 -26.96
CA ALA D 175 14.09 9.47 -27.50
C ALA D 175 13.62 8.49 -28.57
N VAL D 176 12.53 7.77 -28.31
CA VAL D 176 12.04 6.80 -29.28
C VAL D 176 11.61 7.50 -30.57
N ALA D 177 10.88 8.61 -30.44
CA ALA D 177 10.42 9.33 -31.62
C ALA D 177 11.60 9.84 -32.44
N ASP D 178 12.61 10.40 -31.77
CA ASP D 178 13.79 10.87 -32.49
C ASP D 178 14.50 9.72 -33.20
N LEU D 179 14.61 8.57 -32.54
CA LEU D 179 15.26 7.41 -33.17
C LEU D 179 14.53 7.02 -34.46
N LEU D 180 13.21 6.83 -34.37
CA LEU D 180 12.45 6.39 -35.53
C LEU D 180 12.52 7.43 -36.65
N GLY D 181 12.34 8.70 -36.31
CA GLY D 181 12.39 9.74 -37.31
C GLY D 181 13.73 9.81 -38.00
N SER D 182 14.82 9.72 -37.23
CA SER D 182 16.15 9.77 -37.81
C SER D 182 16.34 8.62 -38.79
N VAL D 183 15.99 7.40 -38.39
CA VAL D 183 16.20 6.25 -39.26
C VAL D 183 15.43 6.41 -40.55
N ILE D 184 14.12 6.71 -40.45
CA ILE D 184 13.29 6.78 -41.63
C ILE D 184 13.74 7.92 -42.55
N PHE D 185 14.03 9.08 -41.97
CA PHE D 185 14.45 10.22 -42.77
C PHE D 185 15.75 9.93 -43.50
N VAL D 186 16.72 9.34 -42.80
CA VAL D 186 18.00 9.05 -43.45
C VAL D 186 17.78 8.09 -44.61
N TYR D 187 17.01 7.02 -44.39
CA TYR D 187 16.80 6.05 -45.46
C TYR D 187 16.14 6.71 -46.66
N SER D 188 15.04 7.43 -46.44
CA SER D 188 14.32 8.03 -47.56
C SER D 188 15.19 9.05 -48.29
N PHE D 189 15.91 9.89 -47.55
CA PHE D 189 16.70 10.94 -48.18
C PHE D 189 17.82 10.35 -49.02
N ILE D 190 18.54 9.36 -48.48
CA ILE D 190 19.62 8.77 -49.27
C ILE D 190 19.06 8.09 -50.51
N ASP D 191 17.94 7.36 -50.36
CA ASP D 191 17.36 6.70 -51.52
C ASP D 191 16.97 7.71 -52.60
N PHE D 192 16.37 8.83 -52.20
CA PHE D 192 15.87 9.78 -53.18
C PHE D 192 16.98 10.58 -53.85
N HIS D 193 17.97 11.04 -53.08
CA HIS D 193 18.95 12.00 -53.57
C HIS D 193 20.30 11.39 -53.92
N VAL D 194 20.42 10.06 -53.88
CA VAL D 194 21.68 9.41 -54.23
C VAL D 194 21.46 8.42 -55.37
N PHE D 195 20.54 7.48 -55.17
CA PHE D 195 20.30 6.42 -56.14
C PHE D 195 19.25 6.79 -57.19
N HIS D 196 18.61 7.95 -57.06
CA HIS D 196 17.58 8.37 -58.01
C HIS D 196 16.48 7.33 -58.14
N ARG D 197 16.11 6.71 -57.03
CA ARG D 197 15.10 5.66 -57.06
C ARG D 197 13.76 6.23 -57.50
N LYS D 198 13.08 5.49 -58.38
CA LYS D 198 11.75 5.86 -58.87
C LYS D 198 10.73 4.90 -58.28
N ASP D 199 9.72 5.45 -57.63
CA ASP D 199 8.70 4.65 -56.96
C ASP D 199 7.32 5.24 -57.23
N SER D 200 6.30 4.39 -57.11
CA SER D 200 4.94 4.81 -57.31
C SER D 200 4.53 5.82 -56.24
N ARG D 201 3.33 6.37 -56.40
CA ARG D 201 2.84 7.37 -55.46
C ARG D 201 2.64 6.77 -54.07
N ASN D 202 2.14 5.54 -54.01
CA ASN D 202 1.75 4.96 -52.73
C ASN D 202 2.93 4.84 -51.77
N VAL D 203 4.03 4.24 -52.25
CA VAL D 203 5.18 4.00 -51.37
C VAL D 203 5.79 5.34 -50.93
N PHE D 204 5.92 6.28 -51.85
CA PHE D 204 6.48 7.58 -51.51
C PHE D 204 5.64 8.28 -50.47
N LEU D 205 4.32 8.28 -50.63
CA LEU D 205 3.44 8.92 -49.66
C LEU D 205 3.47 8.19 -48.32
N PHE D 206 3.64 6.87 -48.35
CA PHE D 206 3.78 6.11 -47.10
C PHE D 206 5.02 6.55 -46.34
N LYS D 207 6.15 6.68 -47.04
CA LYS D 207 7.37 7.14 -46.40
C LYS D 207 7.21 8.56 -45.85
N LEU D 208 6.59 9.44 -46.63
CA LEU D 208 6.35 10.80 -46.17
C LEU D 208 5.49 10.81 -44.91
N GLY D 209 4.45 9.98 -44.88
CA GLY D 209 3.61 9.88 -43.69
C GLY D 209 4.39 9.38 -42.49
N GLY D 210 5.28 8.41 -42.69
CA GLY D 210 6.09 7.93 -41.57
C GLY D 210 6.97 9.02 -41.00
N VAL D 211 7.64 9.78 -41.88
CA VAL D 211 8.50 10.86 -41.40
C VAL D 211 7.68 11.91 -40.67
N THR D 212 6.52 12.26 -41.22
CA THR D 212 5.66 13.25 -40.57
C THR D 212 5.21 12.77 -39.20
N ALA D 213 4.87 11.48 -39.09
CA ALA D 213 4.47 10.93 -37.79
C ALA D 213 5.58 11.04 -36.78
N SER D 214 6.81 10.68 -37.17
CA SER D 214 7.92 10.77 -36.24
C SER D 214 8.13 12.20 -35.76
N PHE D 215 8.14 13.16 -36.69
CA PHE D 215 8.41 14.54 -36.31
C PHE D 215 7.29 15.10 -35.42
N THR D 216 6.04 14.81 -35.75
CA THR D 216 4.93 15.28 -34.93
C THR D 216 4.99 14.68 -33.53
N ALA D 217 5.35 13.39 -33.43
CA ALA D 217 5.48 12.78 -32.12
C ALA D 217 6.57 13.45 -31.30
N SER D 218 7.71 13.77 -31.93
CA SER D 218 8.79 14.44 -31.22
C SER D 218 8.33 15.79 -30.67
N VAL D 219 7.66 16.59 -31.51
CA VAL D 219 7.23 17.91 -31.06
C VAL D 219 6.18 17.77 -29.96
N GLY D 220 5.31 16.77 -30.05
CA GLY D 220 4.33 16.54 -29.00
C GLY D 220 4.97 16.17 -27.67
N SER D 221 6.01 15.34 -27.71
CA SER D 221 6.72 15.00 -26.48
C SER D 221 7.34 16.24 -25.84
N LEU D 222 7.94 17.10 -26.68
CA LEU D 222 8.49 18.35 -26.14
C LEU D 222 7.40 19.20 -25.51
N PHE D 223 6.24 19.28 -26.17
CA PHE D 223 5.12 20.05 -25.64
C PHE D 223 4.67 19.52 -24.28
N LEU D 224 4.58 18.19 -24.15
CA LEU D 224 4.15 17.61 -22.88
C LEU D 224 5.15 17.90 -21.76
N THR D 225 6.45 17.79 -22.06
CA THR D 225 7.45 18.10 -21.05
C THR D 225 7.35 19.56 -20.62
N ALA D 226 7.16 20.47 -21.58
CA ALA D 226 7.02 21.88 -21.26
C ALA D 226 5.81 22.13 -20.36
N ILE D 227 4.69 21.47 -20.67
CA ILE D 227 3.49 21.64 -19.84
C ILE D 227 3.76 21.16 -18.41
N ASP D 228 4.41 20.01 -18.27
CA ASP D 228 4.72 19.50 -16.93
C ASP D 228 5.57 20.49 -16.15
N ARG D 229 6.60 21.04 -16.79
CA ARG D 229 7.46 21.99 -16.08
C ARG D 229 6.76 23.31 -15.80
N TYR D 230 5.78 23.68 -16.61
CA TYR D 230 4.99 24.87 -16.30
C TYR D 230 4.10 24.60 -15.09
N ILE D 231 3.50 23.40 -15.04
CA ILE D 231 2.58 23.08 -13.95
C ILE D 231 3.32 23.07 -12.63
N SER D 232 4.60 22.66 -12.64
CA SER D 232 5.35 22.61 -11.38
C SER D 232 5.40 23.98 -10.71
N ILE D 233 5.79 25.01 -11.46
CA ILE D 233 5.92 26.35 -10.89
C ILE D 233 4.57 27.06 -10.73
N HIS D 234 3.59 26.77 -11.59
CA HIS D 234 2.32 27.50 -11.49
C HIS D 234 1.63 27.25 -10.16
N ARG D 235 1.53 25.99 -9.73
CA ARG D 235 0.85 25.62 -8.49
C ARG D 235 1.78 24.71 -7.69
N PRO D 236 2.74 25.29 -6.96
CA PRO D 236 3.70 24.44 -6.25
C PRO D 236 3.06 23.47 -5.27
N LEU D 237 1.98 23.89 -4.60
CA LEU D 237 1.35 23.03 -3.62
C LEU D 237 0.53 21.92 -4.25
N ALA D 238 -0.09 22.19 -5.40
CA ALA D 238 -0.97 21.24 -6.07
C ALA D 238 -0.31 20.52 -7.24
N TYR D 239 1.01 20.66 -7.40
CA TYR D 239 1.68 20.04 -8.55
C TYR D 239 1.55 18.53 -8.51
N LYS D 240 1.74 17.91 -7.34
CA LYS D 240 1.69 16.47 -7.25
C LYS D 240 0.27 15.94 -7.34
N ARG D 241 -0.70 16.67 -6.80
CA ARG D 241 -2.09 16.19 -6.83
C ARG D 241 -2.61 16.11 -8.26
N ILE D 242 -2.28 17.10 -9.09
CA ILE D 242 -2.82 17.15 -10.44
C ILE D 242 -2.16 16.10 -11.34
N VAL D 243 -0.84 16.11 -11.40
CA VAL D 243 -0.10 15.21 -12.29
C VAL D 243 -0.08 13.81 -11.67
N THR D 244 -0.46 12.81 -12.47
CA THR D 244 -0.50 11.43 -12.03
C THR D 244 -0.07 10.53 -13.17
N ARG D 245 0.45 9.36 -12.83
CA ARG D 245 0.95 8.43 -13.85
C ARG D 245 -0.12 8.02 -14.86
N PRO D 246 -1.32 7.61 -14.46
CA PRO D 246 -2.33 7.26 -15.48
C PRO D 246 -2.65 8.42 -16.41
N LYS D 247 -2.68 9.65 -15.90
CA LYS D 247 -2.90 10.79 -16.79
C LYS D 247 -1.76 10.94 -17.79
N ALA D 248 -0.52 10.70 -17.33
CA ALA D 248 0.62 10.74 -18.25
C ALA D 248 0.47 9.70 -19.35
N VAL D 249 0.08 8.48 -18.99
CA VAL D 249 -0.10 7.43 -20.00
C VAL D 249 -1.21 7.80 -20.97
N VAL D 250 -2.31 8.36 -20.44
CA VAL D 250 -3.43 8.74 -21.29
C VAL D 250 -2.98 9.80 -22.30
N ALA D 251 -2.27 10.82 -21.83
CA ALA D 251 -1.86 11.89 -22.75
C ALA D 251 -0.79 11.42 -23.72
N PHE D 252 0.02 10.43 -23.32
CA PHE D 252 1.03 9.88 -24.21
C PHE D 252 0.39 9.09 -25.34
N CYS D 253 -0.69 8.39 -25.03
CA CYS D 253 -1.31 7.54 -26.04
C CYS D 253 -2.22 8.37 -26.92
N LEU D 254 -2.93 9.35 -26.35
CA LEU D 254 -3.72 10.25 -27.16
C LEU D 254 -2.84 11.01 -28.15
N MET D 255 -1.69 11.52 -27.68
CA MET D 255 -0.80 12.26 -28.56
C MET D 255 -0.29 11.36 -29.70
N TRP D 256 0.16 10.15 -29.36
CA TRP D 256 0.66 9.27 -30.41
C TRP D 256 -0.43 8.90 -31.41
N THR D 257 -1.65 8.65 -30.93
CA THR D 257 -2.74 8.29 -31.83
C THR D 257 -3.08 9.43 -32.77
N ILE D 258 -3.15 10.67 -32.25
CA ILE D 258 -3.49 11.79 -33.13
C ILE D 258 -2.37 12.02 -34.15
N ALA D 259 -1.11 11.84 -33.74
CA ALA D 259 -0.01 11.97 -34.68
C ALA D 259 -0.12 10.94 -35.78
N ILE D 260 -0.42 9.68 -35.43
CA ILE D 260 -0.54 8.63 -36.43
C ILE D 260 -1.70 8.92 -37.38
N VAL D 261 -2.82 9.41 -36.85
CA VAL D 261 -3.96 9.73 -37.71
C VAL D 261 -3.59 10.84 -38.69
N ILE D 262 -2.92 11.88 -38.20
CA ILE D 262 -2.52 12.96 -39.08
C ILE D 262 -1.59 12.46 -40.17
N ALA D 263 -0.67 11.56 -39.80
CA ALA D 263 0.28 11.01 -40.79
C ALA D 263 -0.43 10.16 -41.84
N VAL D 264 -1.40 9.35 -41.41
CA VAL D 264 -2.08 8.42 -42.32
C VAL D 264 -3.18 9.09 -43.13
N LEU D 265 -3.66 10.27 -42.75
CA LEU D 265 -4.76 10.99 -43.46
C LEU D 265 -4.52 11.03 -44.97
N PRO D 266 -3.34 11.43 -45.51
CA PRO D 266 -3.17 11.57 -46.97
C PRO D 266 -3.34 10.30 -47.83
N LEU D 267 -2.98 9.11 -47.33
CA LEU D 267 -3.08 7.84 -48.09
C LEU D 267 -4.56 7.52 -48.40
N LEU D 268 -5.47 7.74 -47.45
CA LEU D 268 -6.91 7.40 -47.60
C LEU D 268 -7.50 8.13 -48.81
N GLY D 269 -7.40 9.45 -48.86
CA GLY D 269 -7.89 10.27 -49.94
C GLY D 269 -7.14 11.58 -49.96
N TRP D 270 -7.75 12.59 -50.57
CA TRP D 270 -7.22 13.95 -50.61
C TRP D 270 -6.01 14.09 -51.53
N ASN D 271 -5.53 13.00 -52.12
CA ASN D 271 -4.30 13.05 -52.90
C ASN D 271 -4.42 14.04 -54.05
N CYS D 272 -3.32 14.77 -54.30
CA CYS D 272 -3.29 15.70 -55.42
C CYS D 272 -3.44 14.96 -56.75
N GLU D 273 -2.77 13.81 -56.87
CA GLU D 273 -2.89 13.02 -58.10
C GLU D 273 -4.29 12.45 -58.25
N LYS D 274 -4.91 12.03 -57.15
CA LYS D 274 -6.23 11.42 -57.19
C LYS D 274 -7.36 12.44 -57.19
N LEU D 275 -7.06 13.73 -57.12
CA LEU D 275 -8.06 14.77 -57.14
C LEU D 275 -7.56 15.91 -58.04
N GLN D 276 -8.34 16.99 -58.08
CA GLN D 276 -8.01 18.16 -58.90
C GLN D 276 -7.59 19.29 -57.96
N SER D 277 -6.31 19.63 -57.98
CA SER D 277 -5.76 20.70 -57.15
C SER D 277 -4.35 20.98 -57.62
N VAL D 278 -3.67 21.89 -56.91
CA VAL D 278 -2.32 22.30 -57.25
C VAL D 278 -1.35 21.45 -56.43
N CYS D 279 -0.53 20.66 -57.12
CA CYS D 279 0.45 19.84 -56.43
C CYS D 279 1.59 20.70 -55.89
N SER D 280 2.24 20.20 -54.84
CA SER D 280 3.27 20.96 -54.16
C SER D 280 4.53 21.07 -55.03
N ASP D 281 5.33 22.10 -54.74
CA ASP D 281 6.55 22.36 -55.48
C ASP D 281 7.77 21.69 -54.87
N ILE D 282 7.65 21.09 -53.69
CA ILE D 282 8.79 20.46 -53.03
C ILE D 282 8.56 18.96 -52.88
N PHE D 283 7.30 18.57 -52.72
CA PHE D 283 6.94 17.18 -52.48
C PHE D 283 6.06 16.67 -53.61
N PRO D 284 6.50 15.69 -54.42
CA PRO D 284 5.63 15.17 -55.47
C PRO D 284 4.35 14.56 -54.92
N HIS D 285 3.27 14.74 -55.67
CA HIS D 285 1.97 14.13 -55.35
C HIS D 285 1.42 14.62 -54.01
N ILE D 286 1.68 15.88 -53.66
CA ILE D 286 1.17 16.47 -52.42
C ILE D 286 0.53 17.81 -52.74
N ASP D 287 -0.69 18.01 -52.27
CA ASP D 287 -1.39 19.27 -52.49
C ASP D 287 -0.94 20.30 -51.45
N GLU D 288 -1.07 21.57 -51.82
CA GLU D 288 -0.66 22.68 -50.95
C GLU D 288 -1.75 23.02 -49.93
N THR D 289 -2.13 22.02 -49.14
CA THR D 289 -3.09 22.21 -48.06
C THR D 289 -2.68 21.41 -46.82
N TYR D 290 -2.20 20.18 -47.02
CA TYR D 290 -1.72 19.37 -45.90
C TYR D 290 -0.37 19.89 -45.42
N LEU D 291 0.44 20.38 -46.35
CA LEU D 291 1.70 21.01 -46.00
C LEU D 291 1.44 22.19 -45.07
N MET D 292 0.43 23.01 -45.41
CA MET D 292 0.11 24.14 -44.56
C MET D 292 -0.43 23.66 -43.23
N PHE D 293 -1.20 22.57 -43.23
CA PHE D 293 -1.76 22.06 -41.98
C PHE D 293 -0.64 21.72 -41.00
N TRP D 294 0.39 21.02 -41.48
CA TRP D 294 1.50 20.69 -40.61
C TRP D 294 2.23 21.96 -40.17
N ILE D 295 2.34 22.93 -41.08
CA ILE D 295 3.02 24.20 -40.77
C ILE D 295 2.19 25.08 -39.85
N GLY D 296 0.92 24.77 -39.67
CA GLY D 296 0.03 25.59 -38.89
C GLY D 296 -0.05 25.03 -37.49
N VAL D 297 0.20 23.73 -37.35
CA VAL D 297 0.07 23.12 -36.03
C VAL D 297 1.42 23.14 -35.31
N THR D 298 2.52 23.02 -36.07
CA THR D 298 3.85 23.06 -35.46
C THR D 298 4.12 24.43 -34.85
N SER D 299 3.75 25.50 -35.56
CA SER D 299 4.02 26.85 -35.06
C SER D 299 3.29 27.10 -33.75
N VAL D 300 2.03 26.63 -33.64
CA VAL D 300 1.26 26.86 -32.43
C VAL D 300 1.90 26.13 -31.26
N LEU D 301 2.32 24.88 -31.48
CA LEU D 301 2.93 24.13 -30.40
C LEU D 301 4.23 24.79 -29.97
N LEU D 302 5.04 25.25 -30.92
CA LEU D 302 6.31 25.88 -30.59
C LEU D 302 6.10 27.18 -29.81
N LEU D 303 5.02 27.92 -30.13
CA LEU D 303 4.76 29.15 -29.39
C LEU D 303 4.37 28.83 -27.96
N PHE D 304 3.59 27.76 -27.75
CA PHE D 304 3.25 27.42 -26.37
C PHE D 304 4.50 26.97 -25.61
N ILE D 305 5.47 26.38 -26.33
CA ILE D 305 6.68 25.90 -25.67
C ILE D 305 7.66 27.05 -25.40
N VAL D 306 7.45 28.21 -25.99
CA VAL D 306 8.33 29.35 -25.73
C VAL D 306 7.69 30.24 -24.67
N TYR D 307 6.35 30.21 -24.61
CA TYR D 307 5.63 31.01 -23.62
C TYR D 307 5.70 30.36 -22.23
N ALA D 308 5.57 29.04 -22.16
CA ALA D 308 5.65 28.39 -20.86
C ALA D 308 6.99 28.72 -20.18
N TYR D 309 8.09 28.59 -20.93
CA TYR D 309 9.40 28.85 -20.34
C TYR D 309 9.57 30.32 -19.99
N MET D 310 9.03 31.24 -20.80
CA MET D 310 9.13 32.65 -20.43
C MET D 310 8.44 32.89 -19.09
N TYR D 311 7.23 32.34 -18.92
CA TYR D 311 6.51 32.52 -17.66
C TYR D 311 7.26 31.89 -16.49
N ILE D 312 7.84 30.71 -16.69
CA ILE D 312 8.59 30.07 -15.62
C ILE D 312 9.71 30.99 -15.16
N LEU D 313 10.47 31.54 -16.11
CA LEU D 313 11.58 32.42 -15.73
C LEU D 313 11.09 33.65 -14.98
N TRP D 314 10.00 34.26 -15.46
CA TRP D 314 9.51 35.47 -14.80
C TRP D 314 9.09 35.16 -13.36
N LYS D 315 8.37 34.08 -13.15
CA LYS D 315 7.90 33.74 -11.80
C LYS D 315 9.08 33.40 -10.89
N ALA D 316 10.07 32.67 -11.40
CA ALA D 316 11.24 32.36 -10.58
C ALA D 316 11.95 33.64 -10.16
N HIS D 317 12.11 34.59 -11.08
CA HIS D 317 12.74 35.85 -10.70
C HIS D 317 11.92 36.59 -9.67
N SER D 318 10.59 36.60 -9.84
CA SER D 318 9.74 37.31 -8.87
C SER D 318 9.90 36.72 -7.48
N HIS D 319 9.89 35.38 -7.37
CA HIS D 319 10.04 34.75 -6.07
C HIS D 319 11.42 35.01 -5.48
N ALA D 320 12.47 34.97 -6.29
CA ALA D 320 13.82 35.09 -5.76
C ALA D 320 14.02 36.42 -5.05
N VAL D 321 13.54 37.51 -5.64
CA VAL D 321 13.70 38.83 -5.04
C VAL D 321 12.99 38.87 -3.69
N ARG D 351 19.68 33.03 -6.26
CA ARG D 351 20.55 31.98 -6.79
C ARG D 351 19.87 31.21 -7.91
N MET D 352 18.63 30.79 -7.66
CA MET D 352 17.88 30.02 -8.65
C MET D 352 17.75 30.77 -9.97
N ASP D 353 17.58 32.09 -9.93
CA ASP D 353 17.40 32.85 -11.16
C ASP D 353 18.54 32.63 -12.14
N ILE D 354 19.79 32.69 -11.66
CA ILE D 354 20.93 32.56 -12.57
C ILE D 354 20.89 31.19 -13.27
N ARG D 355 20.66 30.13 -12.50
CA ARG D 355 20.65 28.78 -13.05
C ARG D 355 19.50 28.60 -14.05
N LEU D 356 18.29 29.00 -13.64
CA LEU D 356 17.14 28.80 -14.50
C LEU D 356 17.30 29.60 -15.79
N ALA D 357 17.85 30.82 -15.69
CA ALA D 357 18.00 31.62 -16.90
C ALA D 357 19.07 31.02 -17.80
N LYS D 358 20.11 30.42 -17.21
CA LYS D 358 21.19 29.85 -18.00
C LYS D 358 20.75 28.58 -18.69
N THR D 359 19.66 27.97 -18.24
CA THR D 359 19.19 26.73 -18.85
C THR D 359 18.04 26.99 -19.82
N LEU D 360 17.23 27.99 -19.53
CA LEU D 360 16.04 28.28 -20.32
C LEU D 360 16.41 29.08 -21.56
N VAL D 361 17.44 29.92 -21.46
CA VAL D 361 17.90 30.66 -22.62
C VAL D 361 18.49 29.68 -23.63
N LEU D 362 19.31 28.73 -23.15
CA LEU D 362 19.89 27.74 -24.05
C LEU D 362 18.81 26.94 -24.75
N ILE D 363 17.79 26.49 -24.00
CA ILE D 363 16.76 25.66 -24.63
C ILE D 363 16.02 26.46 -25.70
N LEU D 364 15.62 27.69 -25.37
CA LEU D 364 14.87 28.49 -26.34
C LEU D 364 15.71 28.80 -27.58
N VAL D 365 16.99 29.13 -27.38
CA VAL D 365 17.86 29.45 -28.51
C VAL D 365 17.97 28.25 -29.44
N VAL D 366 18.22 27.06 -28.88
CA VAL D 366 18.37 25.87 -29.72
C VAL D 366 17.08 25.62 -30.49
N LEU D 367 15.94 25.69 -29.80
CA LEU D 367 14.67 25.40 -30.47
C LEU D 367 14.45 26.36 -31.64
N ILE D 368 14.59 27.66 -31.42
CA ILE D 368 14.30 28.63 -32.46
C ILE D 368 15.27 28.47 -33.63
N ILE D 369 16.57 28.38 -33.32
CA ILE D 369 17.57 28.28 -34.38
C ILE D 369 17.33 27.05 -35.22
N CYS D 370 16.83 25.97 -34.61
CA CYS D 370 16.68 24.72 -35.34
C CYS D 370 15.36 24.60 -36.08
N TRP D 371 14.33 25.34 -35.66
CA TRP D 371 13.01 25.22 -36.29
C TRP D 371 12.59 26.44 -37.10
N GLY D 372 13.44 27.45 -37.26
CA GLY D 372 13.05 28.63 -38.03
C GLY D 372 13.26 28.54 -39.53
N PRO D 373 14.48 28.23 -39.96
CA PRO D 373 14.78 28.25 -41.41
C PRO D 373 13.87 27.36 -42.26
N LEU D 374 13.68 26.11 -41.85
CA LEU D 374 12.89 25.19 -42.66
C LEU D 374 11.46 25.69 -42.80
N LEU D 375 10.83 26.08 -41.69
CA LEU D 375 9.45 26.53 -41.77
C LEU D 375 9.36 27.80 -42.59
N ALA D 376 10.44 28.59 -42.62
CA ALA D 376 10.47 29.80 -43.43
C ALA D 376 10.43 29.46 -44.91
N ILE D 377 11.24 28.48 -45.31
CA ILE D 377 11.26 28.09 -46.72
C ILE D 377 9.91 27.49 -47.09
N MET D 378 9.37 26.63 -46.23
CA MET D 378 8.10 25.96 -46.55
C MET D 378 7.01 27.01 -46.79
N VAL D 379 6.92 27.99 -45.87
CA VAL D 379 5.86 28.98 -45.99
C VAL D 379 6.06 29.78 -47.26
N TYR D 380 7.32 30.14 -47.57
CA TYR D 380 7.54 30.93 -48.77
C TYR D 380 7.11 30.13 -49.99
N ASP D 381 7.45 28.84 -50.01
CA ASP D 381 7.02 27.96 -51.08
C ASP D 381 5.52 28.10 -51.32
N VAL D 382 4.72 27.87 -50.28
CA VAL D 382 3.27 27.93 -50.48
C VAL D 382 2.85 29.29 -51.04
N PHE D 383 3.48 30.36 -50.57
CA PHE D 383 3.14 31.73 -50.98
C PHE D 383 4.30 32.33 -51.75
N GLY D 384 4.45 31.90 -52.99
CA GLY D 384 5.51 32.37 -53.86
C GLY D 384 5.88 31.29 -54.85
N LYS D 385 6.93 31.58 -55.62
CA LYS D 385 7.38 30.72 -56.70
C LYS D 385 8.51 29.82 -56.20
N MET D 386 9.02 28.95 -57.09
CA MET D 386 10.16 28.06 -56.75
C MET D 386 11.31 28.33 -57.71
N ASN D 387 12.54 28.39 -57.23
CA ASN D 387 13.75 28.65 -58.06
C ASN D 387 14.80 27.59 -57.70
N LYS D 388 15.82 27.41 -58.54
CA LYS D 388 16.89 26.41 -58.29
C LYS D 388 17.57 26.75 -56.97
N LEU D 389 17.77 28.05 -56.68
CA LEU D 389 18.44 28.50 -55.44
C LEU D 389 17.60 28.09 -54.23
N ILE D 390 16.28 28.28 -54.28
CA ILE D 390 15.37 27.92 -53.17
C ILE D 390 15.42 26.40 -52.97
N LYS D 391 15.45 25.63 -54.06
CA LYS D 391 15.48 24.15 -53.98
C LYS D 391 16.74 23.69 -53.25
N THR D 392 17.90 24.25 -53.60
CA THR D 392 19.20 23.84 -53.00
C THR D 392 19.23 24.15 -51.51
N VAL D 393 18.80 25.35 -51.10
CA VAL D 393 18.84 25.76 -49.67
C VAL D 393 17.90 24.87 -48.85
N PHE D 394 16.73 24.51 -49.38
CA PHE D 394 15.74 23.68 -48.65
C PHE D 394 16.34 22.32 -48.35
N ALA D 395 17.11 21.75 -49.28
CA ALA D 395 17.75 20.43 -49.10
C ALA D 395 18.70 20.49 -47.91
N PHE D 396 19.50 21.55 -47.81
CA PHE D 396 20.48 21.73 -46.70
C PHE D 396 19.74 21.99 -45.37
N CYS D 397 18.61 22.71 -45.41
CA CYS D 397 17.79 23.02 -44.20
C CYS D 397 17.23 21.74 -43.57
N SER D 398 16.83 20.74 -44.36
CA SER D 398 16.34 19.43 -43.83
C SER D 398 17.45 18.83 -42.97
N MET D 399 18.70 18.96 -43.39
CA MET D 399 19.87 18.48 -42.65
C MET D 399 19.94 19.14 -41.27
N LEU D 400 19.61 20.43 -41.20
CA LEU D 400 19.62 21.13 -39.91
C LEU D 400 18.61 20.53 -38.94
N CYS D 401 17.44 20.08 -39.43
CA CYS D 401 16.36 19.52 -38.57
C CYS D 401 16.84 18.25 -37.82
N LEU D 402 17.59 17.37 -38.47
CA LEU D 402 18.08 16.10 -37.86
C LEU D 402 19.01 16.41 -36.68
N LEU D 403 19.73 17.54 -36.72
CA LEU D 403 20.69 17.93 -35.65
C LEU D 403 19.93 18.13 -34.33
N ASN D 404 18.68 18.58 -34.39
CA ASN D 404 17.84 18.80 -33.18
C ASN D 404 17.67 17.45 -32.46
N SER D 405 17.54 16.34 -33.20
CA SER D 405 17.41 14.97 -32.63
C SER D 405 18.70 14.56 -31.92
N THR D 406 19.85 15.17 -32.26
CA THR D 406 21.17 14.82 -31.67
C THR D 406 21.56 15.80 -30.55
N VAL D 407 20.82 16.90 -30.36
CA VAL D 407 21.10 17.90 -29.28
C VAL D 407 20.02 17.80 -28.19
N ASN D 408 18.83 17.31 -28.52
CA ASN D 408 17.75 17.11 -27.52
C ASN D 408 18.24 16.11 -26.46
N PRO D 409 19.01 15.04 -26.78
CA PRO D 409 19.41 14.07 -25.76
C PRO D 409 20.55 14.50 -24.83
N ILE D 410 21.17 15.66 -25.06
CA ILE D 410 22.34 16.15 -24.25
C ILE D 410 21.89 17.26 -23.32
N ILE D 411 20.81 17.97 -23.65
CA ILE D 411 20.25 19.03 -22.77
C ILE D 411 19.34 18.35 -21.74
N TYR D 412 18.38 17.54 -22.17
CA TYR D 412 17.40 16.98 -21.25
C TYR D 412 17.98 15.88 -20.38
N ALA D 413 18.99 15.16 -20.88
CA ALA D 413 19.56 14.07 -20.10
C ALA D 413 20.59 14.57 -19.09
N LEU D 414 21.51 15.44 -19.52
CA LEU D 414 22.61 15.83 -18.65
C LEU D 414 22.19 16.83 -17.59
N ARG D 415 21.23 17.72 -17.88
CA ARG D 415 20.84 18.71 -16.89
C ARG D 415 20.14 18.11 -15.69
N SER D 416 19.76 16.84 -15.74
CA SER D 416 19.15 16.17 -14.60
C SER D 416 20.23 15.45 -13.79
N LYS D 417 20.28 15.75 -12.49
CA LYS D 417 21.30 15.14 -11.63
C LYS D 417 20.98 13.69 -11.29
N ASP D 418 19.69 13.37 -11.14
CA ASP D 418 19.32 11.99 -10.82
C ASP D 418 19.72 11.04 -11.94
N LEU D 419 19.52 11.47 -13.20
CA LEU D 419 19.91 10.63 -14.32
C LEU D 419 21.42 10.40 -14.33
N ARG D 420 22.21 11.45 -14.06
CA ARG D 420 23.65 11.30 -14.02
C ARG D 420 24.07 10.37 -12.90
N HIS D 421 23.45 10.49 -11.72
CA HIS D 421 23.77 9.60 -10.61
C HIS D 421 23.44 8.15 -10.96
N ALA D 422 22.29 7.92 -11.59
CA ALA D 422 21.93 6.56 -11.98
C ALA D 422 22.91 6.01 -13.01
N PHE D 423 23.31 6.83 -13.98
CA PHE D 423 24.27 6.37 -14.98
C PHE D 423 25.60 6.03 -14.33
N ARG D 424 26.07 6.86 -13.40
CA ARG D 424 27.31 6.56 -12.70
C ARG D 424 27.21 5.27 -11.91
N SER D 425 26.08 5.07 -11.22
CA SER D 425 25.91 3.85 -10.43
C SER D 425 25.89 2.62 -11.33
N MET D 426 25.22 2.70 -12.48
CA MET D 426 25.14 1.56 -13.38
C MET D 426 26.53 1.14 -13.87
N PHE D 427 27.36 2.11 -14.22
CA PHE D 427 28.70 1.83 -14.72
C PHE D 427 29.51 1.07 -13.67
N VAL E 2 -32.48 -3.27 16.04
CA VAL E 2 -32.72 -3.64 14.66
C VAL E 2 -34.21 -3.78 14.42
N GLN E 3 -34.77 -2.92 13.57
CA GLN E 3 -36.18 -3.03 13.24
C GLN E 3 -36.46 -2.33 11.91
N LEU E 4 -37.45 -2.85 11.20
CA LEU E 4 -37.90 -2.32 9.91
C LEU E 4 -39.42 -2.18 9.98
N VAL E 5 -39.92 -0.96 9.85
CA VAL E 5 -41.36 -0.71 9.84
C VAL E 5 -41.78 -0.37 8.42
N GLU E 6 -43.00 -0.78 8.06
CA GLU E 6 -43.51 -0.62 6.70
C GLU E 6 -44.83 0.12 6.75
N SER E 7 -44.95 1.17 5.94
CA SER E 7 -46.14 2.00 5.88
C SER E 7 -46.79 1.89 4.52
N GLY E 8 -47.98 2.48 4.40
CA GLY E 8 -48.74 2.43 3.18
C GLY E 8 -49.62 1.20 3.09
N GLY E 9 -50.39 1.15 2.01
CA GLY E 9 -51.29 0.04 1.77
C GLY E 9 -52.73 0.37 2.14
N GLY E 10 -53.65 -0.36 1.54
CA GLY E 10 -55.07 -0.13 1.75
C GLY E 10 -55.87 -0.66 0.58
N LEU E 11 -57.07 -0.11 0.42
CA LEU E 11 -57.98 -0.51 -0.63
C LEU E 11 -57.82 0.43 -1.82
N VAL E 12 -57.63 -0.15 -3.00
CA VAL E 12 -57.42 0.61 -4.23
C VAL E 12 -58.29 0.03 -5.33
N GLN E 13 -58.70 0.88 -6.27
CA GLN E 13 -59.46 0.44 -7.43
C GLN E 13 -58.52 0.05 -8.56
N PRO E 14 -58.96 -0.81 -9.47
CA PRO E 14 -58.09 -1.20 -10.58
C PRO E 14 -57.70 0.00 -11.43
N GLY E 15 -56.46 -0.01 -11.90
CA GLY E 15 -55.93 1.08 -12.72
C GLY E 15 -55.32 2.22 -11.93
N GLY E 16 -55.33 2.16 -10.61
CA GLY E 16 -54.79 3.23 -9.80
C GLY E 16 -53.29 3.11 -9.59
N SER E 17 -52.78 3.95 -8.69
CA SER E 17 -51.36 3.97 -8.36
C SER E 17 -51.22 4.04 -6.84
N ARG E 18 -50.06 3.59 -6.35
CA ARG E 18 -49.81 3.56 -4.92
C ARG E 18 -48.32 3.65 -4.65
N LYS E 19 -47.99 4.03 -3.42
CA LYS E 19 -46.62 4.20 -2.96
C LYS E 19 -46.46 3.50 -1.61
N LEU E 20 -45.39 2.72 -1.47
CA LEU E 20 -45.09 2.02 -0.24
C LEU E 20 -43.71 2.43 0.26
N SER E 21 -43.58 2.58 1.57
CA SER E 21 -42.33 3.03 2.17
C SER E 21 -41.95 2.12 3.34
N CYS E 22 -40.65 2.02 3.57
CA CYS E 22 -40.10 1.25 4.69
C CYS E 22 -39.02 2.08 5.36
N SER E 23 -39.10 2.16 6.70
CA SER E 23 -38.17 2.92 7.52
C SER E 23 -37.40 1.95 8.42
N ALA E 24 -36.08 2.08 8.41
CA ALA E 24 -35.19 1.20 9.15
C ALA E 24 -34.56 1.94 10.32
N SER E 25 -34.34 1.23 11.43
CA SER E 25 -33.68 1.83 12.58
C SER E 25 -32.98 0.74 13.38
N GLY E 26 -31.70 0.97 13.69
CA GLY E 26 -30.94 0.07 14.55
C GLY E 26 -29.71 -0.52 13.90
N PHE E 27 -29.36 -0.17 12.67
CA PHE E 27 -28.21 -0.76 11.99
C PHE E 27 -27.75 0.19 10.89
N ALA E 28 -26.62 -0.17 10.28
CA ALA E 28 -26.03 0.63 9.19
C ALA E 28 -26.81 0.38 7.91
N PHE E 29 -27.87 1.16 7.72
CA PHE E 29 -28.75 0.97 6.57
C PHE E 29 -28.03 1.17 5.24
N SER E 30 -26.91 1.89 5.23
CA SER E 30 -26.26 2.27 3.98
C SER E 30 -25.36 1.19 3.41
N SER E 31 -25.14 0.09 4.14
CA SER E 31 -24.25 -0.97 3.68
C SER E 31 -24.99 -2.29 3.45
N PHE E 32 -26.30 -2.24 3.27
CA PHE E 32 -27.12 -3.42 3.06
C PHE E 32 -27.87 -3.30 1.74
N GLY E 33 -28.02 -4.43 1.05
CA GLY E 33 -28.95 -4.53 -0.06
C GLY E 33 -30.32 -4.89 0.42
N MET E 34 -31.34 -4.53 -0.37
CA MET E 34 -32.73 -4.68 0.08
C MET E 34 -33.57 -5.36 -0.99
N HIS E 35 -34.54 -6.15 -0.53
CA HIS E 35 -35.45 -6.86 -1.42
C HIS E 35 -36.89 -6.59 -1.01
N TRP E 36 -37.81 -6.87 -1.94
CA TRP E 36 -39.24 -6.89 -1.68
C TRP E 36 -39.81 -8.25 -2.02
N VAL E 37 -40.62 -8.80 -1.11
CA VAL E 37 -41.28 -10.09 -1.31
C VAL E 37 -42.76 -9.89 -1.00
N ARG E 38 -43.59 -10.80 -1.52
CA ARG E 38 -45.02 -10.72 -1.26
C ARG E 38 -45.61 -12.11 -1.08
N GLN E 39 -46.75 -12.16 -0.41
CA GLN E 39 -47.47 -13.40 -0.16
C GLN E 39 -48.96 -13.17 -0.40
N ALA E 40 -49.55 -13.99 -1.27
CA ALA E 40 -50.97 -13.93 -1.55
C ALA E 40 -51.75 -14.31 -0.29
N PRO E 41 -53.08 -14.16 -0.28
CA PRO E 41 -53.83 -14.45 0.94
C PRO E 41 -53.61 -15.85 1.50
N GLU E 42 -53.47 -16.86 0.64
CA GLU E 42 -53.28 -18.22 1.10
C GLU E 42 -52.19 -18.99 0.35
N LYS E 43 -51.50 -18.37 -0.60
CA LYS E 43 -50.49 -19.06 -1.39
C LYS E 43 -49.13 -18.87 -0.72
N GLY E 44 -48.07 -19.25 -1.43
CA GLY E 44 -46.72 -19.15 -0.91
C GLY E 44 -46.10 -17.79 -1.18
N LEU E 45 -44.79 -17.72 -1.03
CA LEU E 45 -44.06 -16.47 -1.16
C LEU E 45 -43.65 -16.23 -2.60
N GLU E 46 -43.42 -14.96 -2.94
CA GLU E 46 -43.06 -14.59 -4.30
C GLU E 46 -42.17 -13.35 -4.26
N TRP E 47 -41.00 -13.44 -4.89
CA TRP E 47 -40.05 -12.34 -4.95
C TRP E 47 -40.52 -11.27 -5.93
N VAL E 48 -40.13 -10.02 -5.67
CA VAL E 48 -40.61 -8.89 -6.47
C VAL E 48 -39.46 -8.11 -7.08
N ALA E 49 -38.62 -7.51 -6.23
CA ALA E 49 -37.58 -6.61 -6.74
C ALA E 49 -36.41 -6.57 -5.77
N TYR E 50 -35.34 -5.89 -6.20
CA TYR E 50 -34.10 -5.86 -5.44
C TYR E 50 -33.28 -4.62 -5.78
N ILE E 51 -32.64 -4.04 -4.75
CA ILE E 51 -31.72 -2.93 -4.88
C ILE E 51 -30.39 -3.29 -4.23
N SER E 52 -29.29 -2.89 -4.87
CA SER E 52 -27.95 -3.10 -4.39
C SER E 52 -27.55 -2.01 -3.39
N SER E 53 -26.36 -2.15 -2.82
CA SER E 53 -25.79 -1.14 -1.93
C SER E 53 -25.08 -0.08 -2.75
N GLY E 54 -25.61 1.14 -2.73
CA GLY E 54 -25.18 2.19 -3.62
C GLY E 54 -26.08 2.41 -4.83
N SER E 55 -27.18 1.68 -4.93
CA SER E 55 -28.14 1.82 -6.02
C SER E 55 -27.44 1.71 -7.38
N GLY E 56 -26.49 0.79 -7.47
CA GLY E 56 -25.79 0.53 -8.71
C GLY E 56 -26.27 -0.70 -9.44
N THR E 57 -27.30 -1.37 -8.93
CA THR E 57 -27.85 -2.57 -9.55
C THR E 57 -29.28 -2.73 -9.07
N ILE E 58 -30.20 -2.98 -9.99
CA ILE E 58 -31.61 -3.13 -9.67
C ILE E 58 -32.16 -4.30 -10.47
N TYR E 59 -33.02 -5.10 -9.84
CA TYR E 59 -33.66 -6.21 -10.53
C TYR E 59 -35.15 -6.22 -10.24
N TYR E 60 -35.90 -6.79 -11.20
CA TYR E 60 -37.36 -6.85 -11.14
C TYR E 60 -37.82 -8.23 -11.56
N ALA E 61 -39.00 -8.61 -11.09
CA ALA E 61 -39.65 -9.83 -11.54
C ALA E 61 -40.29 -9.63 -12.90
N ASP E 62 -40.37 -10.72 -13.68
CA ASP E 62 -40.86 -10.64 -15.05
C ASP E 62 -42.31 -10.19 -15.13
N THR E 63 -43.07 -10.32 -14.05
CA THR E 63 -44.49 -9.96 -14.05
C THR E 63 -44.74 -8.52 -13.63
N VAL E 64 -43.69 -7.76 -13.32
CA VAL E 64 -43.85 -6.38 -12.87
C VAL E 64 -42.88 -5.48 -13.63
N LYS E 65 -42.20 -6.04 -14.63
CA LYS E 65 -41.26 -5.26 -15.42
C LYS E 65 -41.96 -4.08 -16.09
N GLY E 66 -41.37 -2.90 -15.96
CA GLY E 66 -41.90 -1.72 -16.60
C GLY E 66 -43.17 -1.17 -15.98
N ARG E 67 -43.56 -1.67 -14.81
CA ARG E 67 -44.80 -1.25 -14.17
C ARG E 67 -44.56 -0.84 -12.73
N PHE E 68 -43.55 -1.43 -12.10
CA PHE E 68 -43.14 -1.10 -10.74
C PHE E 68 -41.79 -0.41 -10.76
N THR E 69 -41.54 0.42 -9.75
CA THR E 69 -40.25 1.08 -9.59
C THR E 69 -39.83 0.99 -8.14
N ILE E 70 -38.52 0.88 -7.93
CA ILE E 70 -37.94 0.73 -6.60
C ILE E 70 -36.84 1.77 -6.42
N SER E 71 -36.80 2.41 -5.25
CA SER E 71 -35.84 3.47 -5.00
C SER E 71 -35.43 3.49 -3.54
N ARG E 72 -34.38 4.26 -3.25
CA ARG E 72 -33.71 4.26 -1.96
C ARG E 72 -33.35 5.70 -1.58
N ASP E 73 -33.23 5.94 -0.27
CA ASP E 73 -32.84 7.26 0.25
C ASP E 73 -31.95 7.03 1.47
N ASP E 74 -30.63 7.14 1.34
CA ASP E 74 -29.68 6.70 2.41
C ASP E 74 -29.51 7.69 3.58
N PRO E 75 -29.45 9.02 3.41
CA PRO E 75 -29.34 9.95 4.54
C PRO E 75 -30.56 9.88 5.47
N LYS E 76 -31.77 9.74 4.94
CA LYS E 76 -33.04 9.64 5.71
C LYS E 76 -33.37 8.19 6.13
N ASN E 77 -32.59 7.17 5.73
CA ASN E 77 -32.83 5.72 6.03
C ASN E 77 -34.19 5.17 5.56
N THR E 78 -34.68 5.52 4.36
CA THR E 78 -35.97 5.00 3.80
C THR E 78 -35.84 4.23 2.47
N LEU E 79 -36.75 3.29 2.18
CA LEU E 79 -36.86 2.50 0.96
C LEU E 79 -38.26 2.67 0.39
N PHE E 80 -38.36 2.82 -0.94
CA PHE E 80 -39.62 3.17 -1.59
C PHE E 80 -39.93 2.21 -2.73
N LEU E 81 -41.22 1.92 -2.89
CA LEU E 81 -41.74 1.15 -4.03
C LEU E 81 -42.94 1.88 -4.60
N GLN E 82 -42.87 2.23 -5.88
CA GLN E 82 -43.95 2.90 -6.59
C GLN E 82 -44.62 1.90 -7.52
N MET E 83 -45.95 1.79 -7.42
CA MET E 83 -46.73 0.84 -8.20
C MET E 83 -47.75 1.60 -9.03
N THR E 84 -47.85 1.25 -10.31
CA THR E 84 -48.78 1.89 -11.23
C THR E 84 -49.56 0.83 -12.00
N SER E 85 -50.79 1.17 -12.36
CA SER E 85 -51.66 0.27 -13.13
C SER E 85 -51.84 -1.06 -12.41
N LEU E 86 -52.44 -0.98 -11.23
CA LEU E 86 -52.62 -2.17 -10.39
C LEU E 86 -53.74 -3.03 -10.94
N ARG E 87 -53.48 -4.34 -11.03
CA ARG E 87 -54.45 -5.31 -11.50
C ARG E 87 -55.12 -5.98 -10.30
N SER E 88 -55.97 -6.97 -10.60
CA SER E 88 -56.64 -7.73 -9.54
C SER E 88 -55.76 -8.81 -8.94
N GLU E 89 -54.59 -9.08 -9.54
CA GLU E 89 -53.68 -10.10 -9.03
C GLU E 89 -52.59 -9.50 -8.13
N ASP E 90 -52.70 -8.22 -7.81
CA ASP E 90 -51.72 -7.53 -6.98
C ASP E 90 -52.11 -7.49 -5.50
N THR E 91 -53.20 -8.14 -5.12
CA THR E 91 -53.63 -8.13 -3.72
C THR E 91 -52.78 -9.13 -2.94
N ALA E 92 -52.08 -8.64 -1.93
CA ALA E 92 -51.17 -9.50 -1.17
C ALA E 92 -50.63 -8.74 0.03
N MET E 93 -49.78 -9.40 0.79
CA MET E 93 -49.05 -8.78 1.89
C MET E 93 -47.58 -8.68 1.51
N TYR E 94 -47.01 -7.50 1.65
CA TYR E 94 -45.68 -7.17 1.19
C TYR E 94 -44.71 -7.07 2.36
N TYR E 95 -43.50 -7.60 2.15
CA TYR E 95 -42.44 -7.64 3.14
C TYR E 95 -41.17 -7.04 2.53
N CYS E 96 -40.36 -6.43 3.39
CA CYS E 96 -39.06 -5.89 3.02
C CYS E 96 -37.97 -6.68 3.72
N VAL E 97 -36.88 -6.97 3.00
CA VAL E 97 -35.87 -7.89 3.52
C VAL E 97 -34.47 -7.30 3.33
N ARG E 98 -33.57 -7.71 4.22
CA ARG E 98 -32.17 -7.32 4.25
C ARG E 98 -31.29 -8.37 3.57
N SER E 99 -30.11 -7.93 3.14
CA SER E 99 -29.11 -8.86 2.59
C SER E 99 -27.74 -8.19 2.50
N ILE E 100 -26.71 -8.85 3.01
CA ILE E 100 -25.34 -8.33 2.92
C ILE E 100 -24.46 -9.43 2.34
N TYR E 101 -23.63 -9.08 1.37
CA TYR E 101 -22.90 -10.05 0.56
C TYR E 101 -21.40 -9.83 0.72
N TYR E 102 -20.74 -10.73 1.42
CA TYR E 102 -19.29 -10.83 1.45
C TYR E 102 -18.94 -12.22 1.94
N TYR E 103 -17.66 -12.58 1.83
CA TYR E 103 -17.25 -13.94 2.15
C TYR E 103 -17.65 -14.32 3.57
N GLY E 104 -18.56 -15.28 3.71
CA GLY E 104 -18.95 -15.79 5.00
C GLY E 104 -20.15 -15.13 5.65
N SER E 105 -20.94 -14.36 4.91
CA SER E 105 -22.09 -13.69 5.46
C SER E 105 -23.35 -14.54 5.32
N SER E 106 -24.43 -14.09 5.96
CA SER E 106 -25.72 -14.78 5.93
C SER E 106 -26.80 -13.83 5.42
N PRO E 107 -27.16 -13.88 4.15
CA PRO E 107 -28.23 -13.00 3.65
C PRO E 107 -29.61 -13.47 4.09
N PHE E 108 -30.58 -12.58 3.86
CA PHE E 108 -31.99 -12.89 4.14
C PHE E 108 -32.22 -13.24 5.61
N ASP E 109 -31.53 -12.52 6.50
CA ASP E 109 -31.53 -12.88 7.91
C ASP E 109 -32.56 -12.14 8.74
N PHE E 110 -33.05 -10.98 8.28
CA PHE E 110 -34.04 -10.21 9.02
C PHE E 110 -35.15 -9.76 8.07
N TRP E 111 -36.39 -9.96 8.51
CA TRP E 111 -37.58 -9.58 7.76
C TRP E 111 -38.36 -8.52 8.53
N GLY E 112 -39.32 -7.91 7.84
CA GLY E 112 -40.20 -6.92 8.44
C GLY E 112 -41.50 -7.55 8.90
N GLN E 113 -42.46 -6.67 9.24
CA GLN E 113 -43.77 -7.12 9.67
C GLN E 113 -44.75 -7.20 8.50
N GLY E 114 -44.63 -6.28 7.55
CA GLY E 114 -45.39 -6.37 6.31
C GLY E 114 -46.62 -5.48 6.32
N THR E 115 -47.10 -5.17 5.11
CA THR E 115 -48.30 -4.36 4.94
C THR E 115 -49.21 -5.02 3.91
N THR E 116 -50.51 -4.78 4.03
CA THR E 116 -51.49 -5.45 3.20
C THR E 116 -52.06 -4.49 2.16
N LEU E 117 -52.13 -4.94 0.91
CA LEU E 117 -52.72 -4.16 -0.16
C LEU E 117 -53.79 -5.01 -0.85
N THR E 118 -54.98 -4.44 -1.02
CA THR E 118 -56.11 -5.09 -1.64
C THR E 118 -56.59 -4.25 -2.83
N VAL E 119 -56.99 -4.94 -3.89
CA VAL E 119 -57.48 -4.30 -5.11
C VAL E 119 -58.92 -4.78 -5.34
N SER E 120 -59.85 -3.84 -5.46
CA SER E 120 -61.25 -4.21 -5.63
C SER E 120 -61.45 -4.95 -6.94
N SER E 121 -62.36 -5.92 -6.93
CA SER E 121 -62.66 -6.72 -8.10
C SER E 121 -63.85 -6.14 -8.87
N SER E 136 -37.28 -20.59 -18.58
CA SER E 136 -35.91 -20.96 -18.25
C SER E 136 -35.59 -20.60 -16.79
N ASP E 137 -36.54 -20.88 -15.91
CA ASP E 137 -36.41 -20.62 -14.49
C ASP E 137 -36.42 -21.93 -13.72
N ILE E 138 -35.52 -22.05 -12.73
CA ILE E 138 -35.49 -23.25 -11.92
C ILE E 138 -36.82 -23.45 -11.22
N VAL E 139 -37.20 -24.70 -11.03
CA VAL E 139 -38.47 -25.07 -10.40
C VAL E 139 -38.16 -25.85 -9.14
N MET E 140 -38.69 -25.39 -8.02
CA MET E 140 -38.55 -26.06 -6.73
C MET E 140 -39.90 -26.64 -6.35
N THR E 141 -39.91 -27.93 -6.00
CA THR E 141 -41.14 -28.66 -5.74
C THR E 141 -41.05 -29.40 -4.42
N GLN E 142 -42.14 -29.37 -3.66
CA GLN E 142 -42.30 -30.14 -2.44
C GLN E 142 -43.54 -31.00 -2.57
N ALA E 143 -43.44 -32.27 -2.16
CA ALA E 143 -44.49 -33.24 -2.41
C ALA E 143 -45.08 -33.77 -1.11
N THR E 144 -45.36 -32.86 -0.17
CA THR E 144 -46.02 -33.24 1.07
C THR E 144 -46.67 -32.00 1.67
N SER E 145 -47.60 -32.23 2.60
CA SER E 145 -48.30 -31.14 3.26
C SER E 145 -49.18 -31.73 4.35
N SER E 146 -49.47 -30.90 5.36
CA SER E 146 -50.35 -31.28 6.46
C SER E 146 -49.87 -32.58 7.11
N VAL E 147 -48.57 -32.67 7.35
CA VAL E 147 -47.97 -33.85 7.96
C VAL E 147 -48.26 -33.85 9.46
N PRO E 148 -48.90 -34.87 10.01
CA PRO E 148 -49.12 -34.92 11.46
C PRO E 148 -47.85 -35.32 12.20
N VAL E 149 -47.80 -34.93 13.47
CA VAL E 149 -46.62 -35.19 14.31
C VAL E 149 -47.06 -35.10 15.76
N THR E 150 -46.28 -35.75 16.64
CA THR E 150 -46.48 -35.70 18.08
C THR E 150 -45.22 -35.22 18.77
N PRO E 151 -45.35 -34.46 19.87
CA PRO E 151 -44.15 -33.91 20.52
C PRO E 151 -43.19 -35.00 20.95
N GLY E 152 -41.90 -34.70 20.85
CA GLY E 152 -40.85 -35.62 21.23
C GLY E 152 -40.36 -36.54 20.14
N GLU E 153 -40.97 -36.51 18.96
CA GLU E 153 -40.59 -37.39 17.85
C GLU E 153 -39.61 -36.67 16.92
N SER E 154 -39.09 -37.42 15.96
CA SER E 154 -38.16 -36.92 14.97
C SER E 154 -38.86 -36.79 13.62
N VAL E 155 -38.60 -35.69 12.93
CA VAL E 155 -39.29 -35.41 11.67
C VAL E 155 -38.28 -35.09 10.57
N SER E 156 -38.72 -35.23 9.32
CA SER E 156 -37.88 -34.94 8.17
C SER E 156 -38.75 -34.40 7.04
N ILE E 157 -38.21 -33.43 6.31
CA ILE E 157 -38.86 -32.80 5.17
C ILE E 157 -37.90 -32.87 3.99
N SER E 158 -38.46 -33.05 2.78
CA SER E 158 -37.66 -33.26 1.59
C SER E 158 -37.97 -32.21 0.54
N CYS E 159 -37.01 -32.00 -0.37
CA CYS E 159 -37.15 -31.03 -1.43
C CYS E 159 -36.36 -31.49 -2.65
N ARG E 160 -36.89 -31.20 -3.83
CA ARG E 160 -36.25 -31.52 -5.10
C ARG E 160 -36.30 -30.31 -6.01
N SER E 161 -35.26 -30.14 -6.82
CA SER E 161 -35.15 -29.02 -7.76
C SER E 161 -35.13 -29.55 -9.19
N SER E 162 -35.12 -28.63 -10.14
CA SER E 162 -35.10 -28.94 -11.56
C SER E 162 -33.77 -28.62 -12.21
N LYS E 163 -32.70 -28.49 -11.42
CA LYS E 163 -31.39 -28.14 -11.92
C LYS E 163 -30.40 -28.23 -10.77
N SER E 164 -29.13 -28.47 -11.10
CA SER E 164 -28.10 -28.60 -10.08
C SER E 164 -27.76 -27.23 -9.50
N LEU E 165 -27.85 -27.11 -8.18
CA LEU E 165 -27.52 -25.87 -7.49
C LEU E 165 -26.07 -25.83 -7.04
N LEU E 166 -25.27 -26.83 -7.37
CA LEU E 166 -23.87 -26.87 -6.98
C LEU E 166 -23.04 -26.13 -8.02
N HIS E 167 -22.25 -25.17 -7.56
CA HIS E 167 -21.43 -24.34 -8.43
C HIS E 167 -19.99 -24.85 -8.46
N SER E 168 -19.22 -24.33 -9.42
CA SER E 168 -17.84 -24.77 -9.56
C SER E 168 -16.99 -24.39 -8.36
N ASN E 169 -17.35 -23.30 -7.67
CA ASN E 169 -16.58 -22.89 -6.50
C ASN E 169 -16.85 -23.75 -5.28
N GLY E 170 -17.82 -24.67 -5.35
CA GLY E 170 -18.07 -25.61 -4.29
C GLY E 170 -19.23 -25.25 -3.37
N ASN E 171 -19.97 -24.20 -3.66
CA ASN E 171 -21.10 -23.77 -2.84
C ASN E 171 -22.41 -24.30 -3.41
N THR E 172 -23.30 -24.73 -2.52
CA THR E 172 -24.65 -25.16 -2.88
C THR E 172 -25.61 -24.14 -2.29
N TYR E 173 -26.28 -23.38 -3.15
CA TYR E 173 -27.13 -22.27 -2.72
C TYR E 173 -28.55 -22.76 -2.50
N LEU E 174 -28.91 -23.01 -1.24
CA LEU E 174 -30.27 -23.38 -0.88
C LEU E 174 -30.52 -22.94 0.56
N TYR E 175 -31.69 -22.35 0.79
CA TYR E 175 -32.04 -21.73 2.06
C TYR E 175 -33.35 -22.29 2.57
N TRP E 176 -33.47 -22.38 3.90
CA TRP E 176 -34.68 -22.86 4.54
C TRP E 176 -35.28 -21.77 5.43
N PHE E 177 -36.59 -21.62 5.38
CA PHE E 177 -37.32 -20.62 6.15
C PHE E 177 -38.49 -21.26 6.87
N LEU E 178 -38.83 -20.70 8.03
CA LEU E 178 -39.97 -21.16 8.83
C LEU E 178 -40.88 -19.98 9.13
N GLN E 179 -42.18 -20.15 8.89
CA GLN E 179 -43.17 -19.13 9.21
C GLN E 179 -44.19 -19.73 10.18
N ARG E 180 -44.40 -19.03 11.30
CA ARG E 180 -45.35 -19.44 12.32
C ARG E 180 -46.68 -18.70 12.13
N PRO E 181 -47.79 -19.26 12.57
CA PRO E 181 -49.10 -18.60 12.35
C PRO E 181 -49.12 -17.21 12.96
N GLY E 182 -49.39 -16.22 12.11
CA GLY E 182 -49.46 -14.84 12.55
C GLY E 182 -48.13 -14.14 12.69
N GLN E 183 -47.05 -14.70 12.13
CA GLN E 183 -45.73 -14.12 12.25
C GLN E 183 -45.03 -14.19 10.90
N SER E 184 -44.05 -13.31 10.71
CA SER E 184 -43.28 -13.28 9.49
C SER E 184 -42.24 -14.40 9.49
N PRO E 185 -41.78 -14.81 8.31
CA PRO E 185 -40.83 -15.93 8.25
C PRO E 185 -39.51 -15.62 8.95
N GLN E 186 -38.75 -16.67 9.20
CA GLN E 186 -37.48 -16.59 9.92
C GLN E 186 -36.50 -17.57 9.30
N LEU E 187 -35.25 -17.15 9.21
CA LEU E 187 -34.21 -17.98 8.61
C LEU E 187 -33.73 -19.04 9.61
N LEU E 188 -33.55 -20.26 9.11
CA LEU E 188 -32.99 -21.35 9.89
C LEU E 188 -31.67 -21.86 9.35
N ILE E 189 -31.56 -22.02 8.03
CA ILE E 189 -30.36 -22.55 7.39
C ILE E 189 -30.11 -21.69 6.16
N TYR E 190 -29.02 -20.92 6.19
CA TYR E 190 -28.70 -19.96 5.14
C TYR E 190 -27.79 -20.53 4.07
N ARG E 191 -27.54 -21.83 4.09
CA ARG E 191 -26.92 -22.54 2.98
C ARG E 191 -26.88 -24.00 3.38
N MET E 192 -26.75 -24.88 2.38
CA MET E 192 -26.77 -26.30 2.66
C MET E 192 -25.80 -26.61 3.80
N SER E 193 -26.34 -27.05 4.93
CA SER E 193 -25.54 -27.38 6.11
C SER E 193 -24.86 -26.15 6.69
N ASN E 194 -25.65 -25.14 7.06
CA ASN E 194 -25.13 -23.96 7.76
C ASN E 194 -26.22 -23.43 8.67
N LEU E 195 -26.06 -23.60 9.97
CA LEU E 195 -27.06 -23.15 10.94
C LEU E 195 -26.92 -21.65 11.17
N ALA E 196 -28.07 -20.99 11.29
CA ALA E 196 -28.10 -19.55 11.50
C ALA E 196 -27.76 -19.25 12.96
N SER E 197 -27.89 -17.98 13.36
CA SER E 197 -27.54 -17.54 14.71
C SER E 197 -28.79 -17.39 15.55
N GLY E 198 -28.73 -17.90 16.78
CA GLY E 198 -29.84 -17.83 17.70
C GLY E 198 -30.85 -18.95 17.56
N VAL E 199 -30.60 -19.91 16.70
CA VAL E 199 -31.54 -21.03 16.50
C VAL E 199 -30.94 -22.28 17.14
N PRO E 200 -31.74 -23.08 17.85
CA PRO E 200 -31.17 -24.25 18.55
C PRO E 200 -30.54 -25.24 17.59
N ASP E 201 -29.90 -26.25 18.17
CA ASP E 201 -29.19 -27.27 17.42
C ASP E 201 -30.06 -28.45 17.03
N ARG E 202 -31.36 -28.39 17.33
CA ARG E 202 -32.26 -29.49 16.94
C ARG E 202 -32.34 -29.60 15.42
N PHE E 203 -32.40 -28.46 14.72
CA PHE E 203 -32.53 -28.47 13.28
C PHE E 203 -31.22 -28.84 12.61
N SER E 204 -31.32 -29.55 11.49
CA SER E 204 -30.15 -29.87 10.68
C SER E 204 -30.59 -30.01 9.23
N GLY E 205 -29.64 -29.82 8.32
CA GLY E 205 -29.94 -29.90 6.91
C GLY E 205 -28.84 -30.55 6.10
N SER E 206 -29.21 -31.36 5.11
CA SER E 206 -28.22 -32.06 4.30
C SER E 206 -28.83 -32.41 2.96
N GLY E 207 -27.97 -32.57 1.96
CA GLY E 207 -28.44 -32.92 0.64
C GLY E 207 -27.30 -32.99 -0.34
N SER E 208 -27.66 -33.16 -1.61
CA SER E 208 -26.68 -33.22 -2.68
C SER E 208 -27.40 -33.03 -4.01
N GLY E 209 -26.68 -32.42 -4.96
CA GLY E 209 -27.21 -32.29 -6.30
C GLY E 209 -28.54 -31.59 -6.36
N THR E 210 -29.60 -32.36 -6.63
CA THR E 210 -30.95 -31.81 -6.77
C THR E 210 -31.91 -32.36 -5.72
N ALA E 211 -31.41 -32.98 -4.66
CA ALA E 211 -32.26 -33.53 -3.60
C ALA E 211 -31.72 -33.08 -2.25
N PHE E 212 -32.58 -32.47 -1.45
CA PHE E 212 -32.19 -31.90 -0.17
C PHE E 212 -33.21 -32.29 0.89
N THR E 213 -32.80 -32.23 2.16
CA THR E 213 -33.67 -32.60 3.25
C THR E 213 -33.30 -31.83 4.51
N LEU E 214 -34.31 -31.59 5.34
CA LEU E 214 -34.18 -30.93 6.63
C LEU E 214 -34.73 -31.86 7.70
N THR E 215 -33.95 -32.10 8.75
CA THR E 215 -34.31 -33.05 9.78
C THR E 215 -34.36 -32.36 11.14
N ILE E 216 -35.32 -32.78 11.97
CA ILE E 216 -35.48 -32.29 13.33
C ILE E 216 -35.42 -33.47 14.27
N SER E 217 -34.57 -33.36 15.31
CA SER E 217 -34.38 -34.43 16.27
C SER E 217 -35.63 -34.63 17.12
N ARG E 218 -36.02 -33.61 17.87
CA ARG E 218 -37.24 -33.63 18.65
C ARG E 218 -37.87 -32.26 18.60
N LEU E 219 -39.19 -32.22 18.47
CA LEU E 219 -39.93 -30.99 18.27
C LEU E 219 -40.71 -30.61 19.53
N GLU E 220 -40.80 -29.31 19.78
CA GLU E 220 -41.58 -28.78 20.88
C GLU E 220 -42.88 -28.20 20.33
N ALA E 221 -43.69 -27.61 21.23
CA ALA E 221 -44.96 -27.04 20.81
C ALA E 221 -44.76 -25.80 19.94
N GLU E 222 -43.65 -25.09 20.12
CA GLU E 222 -43.39 -23.87 19.36
C GLU E 222 -42.83 -24.14 17.97
N ASP E 223 -42.41 -25.37 17.67
CA ASP E 223 -41.87 -25.71 16.36
C ASP E 223 -43.00 -26.25 15.48
N VAL E 224 -43.98 -25.38 15.23
CA VAL E 224 -45.13 -25.72 14.40
C VAL E 224 -45.40 -24.55 13.46
N GLY E 225 -45.48 -24.84 12.16
CA GLY E 225 -45.72 -23.81 11.17
C GLY E 225 -45.60 -24.32 9.75
N VAL E 226 -45.09 -23.48 8.85
CA VAL E 226 -44.92 -23.81 7.44
C VAL E 226 -43.46 -23.59 7.07
N TYR E 227 -42.89 -24.55 6.34
CA TYR E 227 -41.48 -24.52 5.97
C TYR E 227 -41.35 -24.29 4.47
N TYR E 228 -40.43 -23.39 4.11
CA TYR E 228 -40.21 -22.99 2.73
C TYR E 228 -38.75 -23.20 2.35
N CYS E 229 -38.52 -23.46 1.08
CA CYS E 229 -37.18 -23.67 0.52
C CYS E 229 -36.96 -22.69 -0.62
N MET E 230 -35.76 -22.12 -0.68
CA MET E 230 -35.45 -21.09 -1.66
C MET E 230 -34.08 -21.37 -2.27
N GLN E 231 -33.90 -20.92 -3.50
CA GLN E 231 -32.63 -21.04 -4.21
C GLN E 231 -32.10 -19.66 -4.55
N HIS E 232 -30.78 -19.52 -4.51
CA HIS E 232 -30.11 -18.24 -4.77
C HIS E 232 -29.02 -18.41 -5.83
N LEU E 233 -29.19 -19.37 -6.73
CA LEU E 233 -28.19 -19.58 -7.78
C LEU E 233 -28.24 -18.48 -8.82
N GLU E 234 -29.43 -18.04 -9.19
CA GLU E 234 -29.58 -16.96 -10.17
C GLU E 234 -30.99 -16.40 -10.06
N TYR E 235 -31.16 -15.20 -10.59
CA TYR E 235 -32.44 -14.52 -10.52
C TYR E 235 -33.42 -15.12 -11.53
N PRO E 236 -34.72 -15.01 -11.27
CA PRO E 236 -35.41 -14.24 -10.22
C PRO E 236 -35.76 -15.00 -8.92
N LEU E 237 -34.85 -15.76 -8.33
CA LEU E 237 -35.00 -16.27 -6.96
C LEU E 237 -36.38 -16.91 -6.74
N THR E 238 -36.59 -18.04 -7.41
CA THR E 238 -37.84 -18.76 -7.27
C THR E 238 -37.93 -19.42 -5.90
N PHE E 239 -39.16 -19.49 -5.38
CA PHE E 239 -39.46 -20.12 -4.09
C PHE E 239 -40.04 -21.51 -4.31
N GLY E 240 -40.13 -22.26 -3.20
CA GLY E 240 -40.78 -23.54 -3.18
C GLY E 240 -42.19 -23.45 -2.61
N ALA E 241 -42.84 -24.61 -2.55
CA ALA E 241 -44.17 -24.71 -1.97
C ALA E 241 -44.10 -24.93 -0.47
N GLY E 242 -45.22 -24.68 0.20
CA GLY E 242 -45.26 -24.83 1.64
C GLY E 242 -45.44 -26.28 2.09
N THR E 243 -45.08 -26.52 3.35
CA THR E 243 -45.22 -27.84 3.97
C THR E 243 -45.68 -27.62 5.41
N LYS E 244 -46.98 -27.79 5.64
CA LYS E 244 -47.56 -27.49 6.94
C LYS E 244 -47.41 -28.66 7.90
N LEU E 245 -47.21 -28.34 9.17
CA LEU E 245 -47.12 -29.33 10.24
C LEU E 245 -48.26 -29.12 11.22
N GLU E 246 -48.95 -30.21 11.56
CA GLU E 246 -50.07 -30.19 12.48
C GLU E 246 -49.72 -30.98 13.72
N LEU E 247 -50.01 -30.41 14.89
CA LEU E 247 -49.72 -31.07 16.16
C LEU E 247 -50.67 -32.25 16.38
#